data_4M0G
#
_entry.id   4M0G
#
_cell.length_a   76.498
_cell.length_b   76.498
_cell.length_c   342.797
_cell.angle_alpha   90.00
_cell.angle_beta   90.00
_cell.angle_gamma   90.00
#
_symmetry.space_group_name_H-M   'P 41 21 2'
#
loop_
_entity.id
_entity.type
_entity.pdbx_description
1 polymer 'Adenylosuccinate synthetase'
2 non-polymer 'CHLORIDE ION'
3 water water
#
_entity_poly.entity_id   1
_entity_poly.type   'polypeptide(L)'
_entity_poly.pdbx_seq_one_letter_code
;SNA(MSE)SSVVVVGTQWGDEGKGKITDFLSEHAEVVARYQGGNNAGHTIVFGGVKYKLHLIPSGIFYKEKICVIGNGLV
VDPKALLEELKYLHDRGVSTDNLRVSNRAHVILPYHLKQDELEEASKGDNKIGTTKKGIGPAY(MSE)DKAARIGIR
(MSE)ADLLDREAFKEKLEQNLAQKNRLFEK(MSE)YDTEGFSVDEIFEEYFEYGQQIAQYVCDTSVVLNDALDNNHRVL
FEGAQGV(MSE)LDIDHGTYPFVTSSNPIAGGVTVGTGVGPAKVTRVVGVCKAYTSRVGDGPFPTELHDEIGHQIREVGR
EYGTTTGRPRRVGWFDSVVVRHARRVSGLTDLSLNSIDVLTGIPTLKICVAYKCDGKVIDEVPANLNILAKCEPVCEELP
GWTEDITGVRSLDELPENARKYVERVSELTGIQLS(MSE)FSVGPDRNQTNIVRNVYEA
;
_entity_poly.pdbx_strand_id   A,B
#
loop_
_chem_comp.id
_chem_comp.type
_chem_comp.name
_chem_comp.formula
CL non-polymer 'CHLORIDE ION' 'Cl -1'
#
# COMPACT_ATOMS: atom_id res chain seq x y z
N ALA A 3 5.10 21.95 10.76
CA ALA A 3 3.67 22.09 11.10
C ALA A 3 2.77 21.42 10.06
N MSE A 4 2.90 20.10 9.92
CA MSE A 4 2.14 19.34 8.92
C MSE A 4 0.66 19.28 9.30
O MSE A 4 0.32 19.07 10.47
CB MSE A 4 2.71 17.94 8.73
CG MSE A 4 2.79 17.47 7.28
SE MSE A 4 4.57 17.64 6.45
CE MSE A 4 5.01 19.49 6.91
N SER A 5 -0.21 19.46 8.32
CA SER A 5 -1.64 19.53 8.58
C SER A 5 -2.46 18.67 7.62
N SER A 6 -2.27 17.36 7.69
CA SER A 6 -3.04 16.46 6.82
C SER A 6 -4.05 15.66 7.63
N VAL A 7 -5.15 15.31 6.96
CA VAL A 7 -6.22 14.56 7.59
C VAL A 7 -6.67 13.46 6.64
N VAL A 8 -6.75 12.23 7.13
CA VAL A 8 -7.37 11.15 6.36
C VAL A 8 -8.73 10.86 6.97
N VAL A 9 -9.73 10.78 6.12
CA VAL A 9 -11.05 10.41 6.61
C VAL A 9 -11.43 9.08 5.98
N VAL A 10 -11.75 8.11 6.83
CA VAL A 10 -12.12 6.80 6.35
C VAL A 10 -13.19 6.20 7.24
N GLY A 11 -14.08 5.41 6.63
CA GLY A 11 -15.03 4.60 7.38
C GLY A 11 -14.26 3.51 8.12
N THR A 12 -14.69 3.18 9.32
CA THR A 12 -14.01 2.16 10.12
C THR A 12 -14.61 0.78 10.00
N GLN A 13 -15.76 0.68 9.34
CA GLN A 13 -16.49 -0.58 9.28
C GLN A 13 -16.66 -1.05 7.84
N TRP A 14 -17.87 -1.47 7.47
CA TRP A 14 -18.12 -1.99 6.12
C TRP A 14 -18.82 -1.00 5.21
N GLY A 15 -18.67 0.29 5.48
CA GLY A 15 -19.33 1.31 4.69
C GLY A 15 -20.57 1.79 5.40
N ASP A 16 -21.24 2.78 4.82
CA ASP A 16 -22.48 3.35 5.35
C ASP A 16 -22.33 3.89 6.78
N GLU A 17 -21.12 4.34 7.12
CA GLU A 17 -20.84 4.89 8.43
C GLU A 17 -21.26 6.35 8.54
N GLY A 18 -21.45 6.99 7.39
CA GLY A 18 -21.76 8.42 7.35
C GLY A 18 -20.52 9.26 7.08
N LYS A 19 -19.53 8.68 6.41
CA LYS A 19 -18.32 9.41 6.04
C LYS A 19 -18.64 10.67 5.23
N GLY A 20 -19.76 10.64 4.52
CA GLY A 20 -20.16 11.72 3.64
C GLY A 20 -20.28 13.07 4.33
N LYS A 21 -21.04 13.13 5.42
CA LYS A 21 -21.27 14.38 6.14
C LYS A 21 -19.96 14.96 6.67
N ILE A 22 -19.12 14.10 7.24
CA ILE A 22 -17.84 14.46 7.83
C ILE A 22 -16.84 14.91 6.80
N THR A 23 -16.89 14.24 5.67
CA THR A 23 -16.04 14.57 4.53
C THR A 23 -16.41 15.95 3.96
N ASP A 24 -17.72 16.21 3.85
CA ASP A 24 -18.19 17.52 3.40
C ASP A 24 -17.67 18.62 4.28
N PHE A 25 -17.79 18.42 5.59
CA PHE A 25 -17.29 19.36 6.59
C PHE A 25 -15.77 19.60 6.43
N LEU A 26 -14.97 18.55 6.55
CA LEU A 26 -13.51 18.66 6.41
C LEU A 26 -13.08 19.25 5.06
N SER A 27 -13.82 18.96 4.02
CA SER A 27 -13.59 19.54 2.70
C SER A 27 -13.65 21.05 2.65
N GLU A 28 -14.62 21.62 3.36
CA GLU A 28 -14.76 23.06 3.41
C GLU A 28 -13.47 23.73 3.87
N HIS A 29 -12.82 23.16 4.89
CA HIS A 29 -11.61 23.75 5.45
C HIS A 29 -10.31 23.27 4.79
N ALA A 30 -10.42 22.34 3.84
CA ALA A 30 -9.22 21.85 3.14
C ALA A 30 -8.77 22.78 2.03
N GLU A 31 -7.48 22.77 1.74
CA GLU A 31 -6.94 23.53 0.62
C GLU A 31 -6.68 22.60 -0.55
N VAL A 32 -6.43 21.34 -0.21
CA VAL A 32 -6.21 20.30 -1.20
C VAL A 32 -6.99 19.07 -0.74
N VAL A 33 -7.66 18.39 -1.68
CA VAL A 33 -8.39 17.16 -1.38
C VAL A 33 -8.00 16.08 -2.37
N ALA A 34 -7.68 14.89 -1.85
CA ALA A 34 -7.10 13.84 -2.68
C ALA A 34 -7.75 12.47 -2.47
N ARG A 35 -7.93 11.74 -3.58
CA ARG A 35 -8.31 10.34 -3.55
C ARG A 35 -7.01 9.57 -3.74
N TYR A 36 -6.92 8.36 -3.18
CA TYR A 36 -5.66 7.64 -3.19
C TYR A 36 -5.78 6.16 -3.59
N GLN A 37 -7.00 5.67 -3.73
CA GLN A 37 -7.24 4.28 -4.14
C GLN A 37 -8.64 4.10 -4.70
N GLY A 38 -8.88 2.97 -5.36
CA GLY A 38 -10.21 2.66 -5.85
C GLY A 38 -10.38 3.17 -7.27
N GLY A 39 -11.60 3.06 -7.79
CA GLY A 39 -11.89 3.54 -9.11
C GLY A 39 -13.15 4.37 -9.04
N ASN A 40 -13.98 4.26 -10.08
CA ASN A 40 -15.19 5.07 -10.16
C ASN A 40 -16.31 4.42 -9.37
N ASN A 41 -16.10 4.28 -8.06
CA ASN A 41 -16.97 3.50 -7.20
C ASN A 41 -18.24 4.27 -6.84
N GLY A 43 -19.55 6.16 -4.62
CA GLY A 43 -20.19 7.41 -4.98
C GLY A 43 -20.63 8.24 -3.79
N HIS A 44 -20.23 9.51 -3.78
CA HIS A 44 -20.58 10.47 -2.73
C HIS A 44 -21.65 11.47 -3.17
N THR A 45 -22.67 11.65 -2.36
CA THR A 45 -23.91 12.31 -2.76
C THR A 45 -24.19 13.68 -2.14
N ILE A 46 -23.78 14.75 -2.80
CA ILE A 46 -23.71 16.07 -2.18
C ILE A 46 -24.66 17.06 -2.87
N VAL A 47 -25.03 18.13 -2.16
CA VAL A 47 -25.78 19.22 -2.80
C VAL A 47 -25.20 20.59 -2.44
N PHE A 48 -24.30 21.07 -3.28
CA PHE A 48 -23.57 22.33 -3.05
C PHE A 48 -24.31 23.50 -3.68
N LYS A 52 -28.13 18.82 -6.41
CA LYS A 52 -27.75 17.49 -5.93
C LYS A 52 -26.67 16.88 -6.83
N TYR A 53 -25.51 16.58 -6.26
CA TYR A 53 -24.39 16.03 -7.02
C TYR A 53 -23.91 14.68 -6.48
N LYS A 54 -23.48 13.82 -7.40
CA LYS A 54 -22.89 12.55 -7.02
C LYS A 54 -21.53 12.45 -7.70
N LEU A 55 -20.47 12.27 -6.91
CA LEU A 55 -19.13 12.14 -7.47
C LEU A 55 -18.65 10.69 -7.38
N HIS A 56 -17.82 10.28 -8.32
CA HIS A 56 -17.26 8.93 -8.35
C HIS A 56 -15.74 8.90 -8.27
N LEU A 57 -15.06 9.59 -9.19
CA LEU A 57 -13.59 9.62 -9.19
C LEU A 57 -13.06 10.93 -8.65
N ILE A 58 -13.74 12.01 -9.01
CA ILE A 58 -13.29 13.34 -8.64
C ILE A 58 -13.48 13.63 -7.14
N PRO A 59 -12.42 14.11 -6.46
CA PRO A 59 -12.51 14.40 -5.03
C PRO A 59 -13.56 15.47 -4.71
N SER A 60 -13.99 15.53 -3.46
CA SER A 60 -15.15 16.34 -3.07
C SER A 60 -14.88 17.84 -2.99
N GLY A 61 -13.63 18.25 -3.19
CA GLY A 61 -13.32 19.66 -3.11
C GLY A 61 -13.52 20.37 -4.43
N ILE A 62 -13.95 19.62 -5.44
CA ILE A 62 -14.00 20.15 -6.79
C ILE A 62 -14.92 21.34 -6.94
N PHE A 63 -15.96 21.40 -6.10
CA PHE A 63 -16.95 22.47 -6.17
C PHE A 63 -16.39 23.83 -5.75
N TYR A 64 -15.30 23.81 -4.99
CA TYR A 64 -14.62 25.05 -4.59
C TYR A 64 -13.46 25.30 -5.53
N LYS A 65 -13.58 26.39 -6.30
CA LYS A 65 -12.67 26.74 -7.38
C LYS A 65 -11.21 26.79 -6.95
N GLU A 66 -10.99 27.22 -5.71
CA GLU A 66 -9.66 27.48 -5.18
C GLU A 66 -8.98 26.23 -4.62
N LYS A 67 -9.75 25.16 -4.43
CA LYS A 67 -9.22 23.94 -3.83
C LYS A 67 -8.66 23.02 -4.89
N ILE A 68 -7.41 22.59 -4.73
CA ILE A 68 -6.78 21.64 -5.63
C ILE A 68 -7.28 20.22 -5.37
N CYS A 69 -7.70 19.52 -6.43
CA CYS A 69 -8.23 18.16 -6.26
C CYS A 69 -7.41 17.16 -7.02
N VAL A 70 -6.92 16.16 -6.27
CA VAL A 70 -5.94 15.21 -6.78
C VAL A 70 -6.49 13.79 -6.88
N ILE A 71 -6.33 13.20 -8.06
CA ILE A 71 -6.55 11.77 -8.25
C ILE A 71 -5.16 11.14 -8.24
N GLY A 72 -4.86 10.40 -7.19
CA GLY A 72 -3.52 9.93 -6.94
C GLY A 72 -3.13 8.74 -7.80
N ASN A 73 -1.86 8.34 -7.73
CA ASN A 73 -1.34 7.22 -8.51
C ASN A 73 -1.97 5.87 -8.13
N GLY A 74 -2.60 5.79 -6.95
CA GLY A 74 -3.18 4.54 -6.47
C GLY A 74 -4.51 4.16 -7.11
N LEU A 75 -5.10 5.06 -7.89
CA LEU A 75 -6.43 4.73 -8.46
C LEU A 75 -6.31 4.01 -9.79
N VAL A 76 -7.41 3.40 -10.22
CA VAL A 76 -7.56 2.96 -11.59
C VAL A 76 -8.63 3.82 -12.28
N VAL A 77 -8.31 4.38 -13.44
CA VAL A 77 -9.17 5.39 -14.05
C VAL A 77 -9.75 4.96 -15.38
N ASP A 78 -11.08 4.87 -15.45
CA ASP A 78 -11.72 4.72 -16.74
C ASP A 78 -11.77 6.14 -17.33
N PRO A 79 -10.97 6.40 -18.38
CA PRO A 79 -10.89 7.76 -18.92
C PRO A 79 -12.22 8.18 -19.53
N LYS A 80 -13.00 7.23 -20.03
CA LYS A 80 -14.32 7.53 -20.57
C LYS A 80 -15.28 7.98 -19.46
N ALA A 81 -15.32 7.21 -18.39
CA ALA A 81 -16.17 7.56 -17.25
C ALA A 81 -15.72 8.89 -16.64
N LEU A 82 -14.40 9.12 -16.60
CA LEU A 82 -13.87 10.36 -16.04
C LEU A 82 -14.38 11.58 -16.83
N LEU A 83 -14.37 11.46 -18.15
CA LEU A 83 -14.90 12.52 -19.02
C LEU A 83 -16.40 12.72 -18.86
N GLU A 84 -17.13 11.64 -18.56
CA GLU A 84 -18.57 11.75 -18.33
C GLU A 84 -18.81 12.53 -17.05
N GLU A 85 -17.97 12.28 -16.04
CA GLU A 85 -18.09 12.93 -14.76
C GLU A 85 -17.74 14.44 -14.88
N LEU A 86 -16.74 14.75 -15.70
CA LEU A 86 -16.37 16.13 -15.97
C LEU A 86 -17.49 16.86 -16.72
N LYS A 87 -18.08 16.18 -17.70
CA LYS A 87 -19.16 16.77 -18.48
C LYS A 87 -20.35 17.09 -17.59
N TYR A 88 -20.61 16.19 -16.66
CA TYR A 88 -21.69 16.30 -15.68
C TYR A 88 -21.53 17.56 -14.82
N LEU A 89 -20.30 17.83 -14.38
CA LEU A 89 -19.99 19.00 -13.57
C LEU A 89 -20.09 20.28 -14.40
N HIS A 90 -19.48 20.25 -15.57
CA HIS A 90 -19.53 21.38 -16.49
C HIS A 90 -20.96 21.74 -16.86
N ASP A 91 -21.79 20.72 -17.10
CA ASP A 91 -23.19 20.97 -17.45
C ASP A 91 -23.93 21.63 -16.28
N ARG A 92 -23.38 21.50 -15.08
CA ARG A 92 -24.04 22.08 -13.92
C ARG A 92 -23.36 23.37 -13.45
N GLY A 93 -22.51 23.93 -14.31
CA GLY A 93 -21.83 25.18 -14.04
C GLY A 93 -20.61 25.07 -13.14
N VAL A 94 -20.11 23.85 -12.98
CA VAL A 94 -18.95 23.64 -12.11
C VAL A 94 -17.64 23.59 -12.89
N SER A 95 -16.70 24.42 -12.46
CA SER A 95 -15.37 24.54 -13.07
C SER A 95 -14.48 23.42 -12.57
N THR A 96 -13.63 22.85 -13.44
CA THR A 96 -12.76 21.76 -13.05
C THR A 96 -11.27 22.00 -13.29
N ASP A 97 -10.88 23.28 -13.41
CA ASP A 97 -9.48 23.62 -13.68
C ASP A 97 -8.58 23.27 -12.51
N ASN A 98 -9.18 23.04 -11.36
CA ASN A 98 -8.44 22.67 -10.14
C ASN A 98 -8.10 21.16 -10.04
N LEU A 99 -8.44 20.39 -11.08
CA LEU A 99 -8.23 18.95 -11.03
C LEU A 99 -6.82 18.57 -11.42
N ARG A 100 -6.24 17.60 -10.72
CA ARG A 100 -4.92 17.04 -11.04
C ARG A 100 -5.00 15.51 -11.10
N VAL A 101 -4.58 14.94 -12.22
CA VAL A 101 -4.66 13.49 -12.42
C VAL A 101 -3.27 12.88 -12.49
N SER A 102 -3.03 11.84 -11.69
CA SER A 102 -1.68 11.26 -11.60
C SER A 102 -1.23 10.66 -12.92
N ASN A 103 -0.02 11.01 -13.36
CA ASN A 103 0.51 10.38 -14.57
C ASN A 103 0.87 8.91 -14.36
N ARG A 104 0.76 8.44 -13.12
CA ARG A 104 1.04 7.04 -12.80
C ARG A 104 -0.19 6.22 -12.42
N ALA A 105 -1.36 6.83 -12.49
CA ALA A 105 -2.62 6.10 -12.31
C ALA A 105 -2.80 5.10 -13.44
N HIS A 106 -3.33 3.91 -13.14
CA HIS A 106 -3.62 2.95 -14.19
C HIS A 106 -4.94 3.23 -14.91
N VAL A 107 -5.00 2.75 -16.15
CA VAL A 107 -6.10 3.01 -17.06
C VAL A 107 -6.99 1.78 -17.22
N ILE A 108 -8.29 1.95 -17.05
CA ILE A 108 -9.28 0.89 -17.31
C ILE A 108 -9.74 0.94 -18.76
N LEU A 109 -9.55 -0.15 -19.50
CA LEU A 109 -9.90 -0.20 -20.92
C LEU A 109 -11.05 -1.18 -21.16
N PRO A 110 -11.65 -1.16 -22.37
CA PRO A 110 -12.84 -2.01 -22.59
C PRO A 110 -12.60 -3.50 -22.31
N TYR A 111 -11.37 -3.98 -22.44
CA TYR A 111 -11.16 -5.40 -22.21
C TYR A 111 -11.28 -5.74 -20.73
N HIS A 112 -11.10 -4.74 -19.88
CA HIS A 112 -11.26 -4.93 -18.44
C HIS A 112 -12.72 -5.10 -18.08
N LEU A 113 -13.60 -4.40 -18.77
CA LEU A 113 -15.03 -4.56 -18.48
C LEU A 113 -15.54 -5.94 -18.91
N LYS A 114 -15.06 -6.41 -20.06
CA LYS A 114 -15.51 -7.70 -20.55
C LYS A 114 -14.96 -8.77 -19.63
N GLN A 115 -13.67 -8.66 -19.32
CA GLN A 115 -13.02 -9.60 -18.42
C GLN A 115 -13.77 -9.69 -17.08
N ASP A 116 -14.21 -8.54 -16.59
CA ASP A 116 -14.95 -8.46 -15.34
C ASP A 116 -16.22 -9.28 -15.42
N GLU A 117 -16.96 -9.10 -16.51
CA GLU A 117 -18.22 -9.82 -16.72
C GLU A 117 -17.97 -11.32 -16.80
N LEU A 118 -16.97 -11.71 -17.59
CA LEU A 118 -16.66 -13.12 -17.83
C LEU A 118 -16.21 -13.85 -16.56
N GLU A 119 -15.38 -13.19 -15.76
CA GLU A 119 -14.90 -13.77 -14.50
C GLU A 119 -16.02 -13.94 -13.49
N GLU A 120 -16.91 -12.96 -13.43
CA GLU A 120 -18.05 -13.04 -12.52
C GLU A 120 -19.02 -14.18 -12.89
N ALA A 121 -19.25 -14.38 -14.19
CA ALA A 121 -20.17 -15.44 -14.62
C ALA A 121 -19.58 -16.85 -14.49
N SER A 122 -18.25 -16.96 -14.37
CA SER A 122 -17.63 -18.28 -14.17
C SER A 122 -17.71 -18.75 -12.73
N LYS A 123 -17.87 -17.82 -11.82
CA LYS A 123 -17.96 -18.13 -10.39
C LYS A 123 -19.36 -18.58 -9.97
N GLY A 124 -19.43 -19.17 -8.77
CA GLY A 124 -20.69 -19.52 -8.15
C GLY A 124 -20.75 -18.93 -6.75
N ASP A 125 -19.62 -18.36 -6.33
CA ASP A 125 -19.52 -17.71 -5.03
C ASP A 125 -19.17 -16.22 -5.18
N THR A 131 -17.59 -5.28 -9.36
CA THR A 131 -17.41 -6.35 -10.34
C THR A 131 -18.12 -6.01 -11.63
N LYS A 132 -18.30 -4.72 -11.83
CA LYS A 132 -19.05 -4.25 -12.98
C LYS A 132 -18.23 -3.31 -13.87
N LYS A 133 -17.30 -2.58 -13.26
CA LYS A 133 -16.66 -1.47 -13.95
C LYS A 133 -15.23 -1.74 -14.39
N GLY A 134 -14.78 -3.00 -14.26
CA GLY A 134 -13.43 -3.35 -14.69
C GLY A 134 -12.33 -2.94 -13.71
N ILE A 135 -12.72 -2.51 -12.52
CA ILE A 135 -11.77 -2.11 -11.50
C ILE A 135 -10.86 -3.28 -11.06
N GLY A 136 -11.46 -4.39 -10.62
CA GLY A 136 -10.69 -5.58 -10.29
C GLY A 136 -9.67 -5.99 -11.36
N PRO A 137 -10.13 -6.24 -12.60
CA PRO A 137 -9.18 -6.59 -13.66
C PRO A 137 -8.08 -5.55 -13.89
N ALA A 138 -8.38 -4.25 -13.73
CA ALA A 138 -7.35 -3.22 -13.86
C ALA A 138 -6.30 -3.39 -12.78
N TYR A 139 -6.73 -3.61 -11.55
CA TYR A 139 -5.79 -3.86 -10.46
C TYR A 139 -4.99 -5.14 -10.67
N MSE A 140 -5.61 -6.14 -11.32
CA MSE A 140 -4.95 -7.39 -11.64
C MSE A 140 -3.86 -7.19 -12.67
O MSE A 140 -2.76 -7.74 -12.54
CB MSE A 140 -5.95 -8.45 -12.14
CG MSE A 140 -7.07 -8.78 -11.14
SE MSE A 140 -8.34 -10.01 -11.99
CE MSE A 140 -6.83 -11.30 -12.60
N ASP A 141 -4.14 -6.41 -13.70
CA ASP A 141 -3.10 -6.03 -14.66
C ASP A 141 -1.97 -5.22 -14.03
N LYS A 142 -2.28 -4.41 -13.03
CA LYS A 142 -1.25 -3.63 -12.34
C LYS A 142 -0.26 -4.58 -11.66
N ALA A 143 -0.77 -5.47 -10.80
CA ALA A 143 0.04 -6.49 -10.12
C ALA A 143 0.85 -7.35 -11.10
N ALA A 144 0.32 -7.58 -12.29
CA ALA A 144 0.95 -8.43 -13.27
C ALA A 144 1.96 -7.68 -14.13
N ARG A 145 2.00 -6.36 -13.95
CA ARG A 145 2.93 -5.48 -14.68
C ARG A 145 2.70 -5.47 -16.17
N ILE A 146 1.45 -5.43 -16.58
CA ILE A 146 1.15 -5.24 -17.99
C ILE A 146 0.20 -4.08 -18.14
N GLY A 147 -0.15 -3.45 -17.02
CA GLY A 147 -1.10 -2.37 -17.00
C GLY A 147 -0.61 -1.21 -17.84
N ILE A 148 -1.56 -0.47 -18.38
CA ILE A 148 -1.29 0.74 -19.13
C ILE A 148 -1.60 1.92 -18.21
N ARG A 149 -0.63 2.82 -18.05
CA ARG A 149 -0.81 3.96 -17.16
C ARG A 149 -1.16 5.25 -17.90
N MSE A 150 -1.57 6.25 -17.15
CA MSE A 150 -2.02 7.51 -17.70
C MSE A 150 -0.90 8.11 -18.58
O MSE A 150 -1.15 8.61 -19.67
CB MSE A 150 -2.37 8.43 -16.52
CG MSE A 150 -3.54 9.34 -16.69
SE MSE A 150 -5.23 8.53 -17.22
CE MSE A 150 -5.48 9.86 -18.61
N ALA A 151 0.35 8.03 -18.11
CA ALA A 151 1.47 8.51 -18.91
C ALA A 151 1.60 7.77 -20.24
N ASP A 152 1.30 6.48 -20.24
CA ASP A 152 1.35 5.68 -21.47
C ASP A 152 0.23 6.08 -22.45
N LEU A 153 -0.97 6.26 -21.92
CA LEU A 153 -2.12 6.68 -22.71
C LEU A 153 -1.84 7.98 -23.47
N LEU A 154 -1.01 8.84 -22.89
CA LEU A 154 -0.71 10.13 -23.49
C LEU A 154 0.36 10.05 -24.57
N ASP A 155 0.94 8.87 -24.75
CA ASP A 155 1.99 8.69 -25.75
C ASP A 155 1.46 7.79 -26.86
N ARG A 156 1.30 8.37 -28.05
CA ARG A 156 0.69 7.68 -29.18
C ARG A 156 1.36 6.34 -29.44
N GLU A 157 2.68 6.36 -29.55
CA GLU A 157 3.44 5.16 -29.87
C GLU A 157 3.46 4.14 -28.74
N ALA A 158 3.60 4.60 -27.50
CA ALA A 158 3.61 3.69 -26.36
C ALA A 158 2.23 3.08 -26.11
N PHE A 159 1.18 3.88 -26.25
CA PHE A 159 -0.17 3.39 -26.06
C PHE A 159 -0.50 2.28 -27.08
N LYS A 160 -0.22 2.53 -28.36
CA LYS A 160 -0.51 1.54 -29.38
C LYS A 160 0.27 0.25 -29.13
N GLU A 161 1.55 0.38 -28.77
CA GLU A 161 2.41 -0.77 -28.51
C GLU A 161 1.94 -1.62 -27.34
N LYS A 162 1.55 -1.00 -26.24
CA LYS A 162 1.07 -1.76 -25.09
C LYS A 162 -0.30 -2.36 -25.35
N LEU A 163 -1.11 -1.65 -26.11
CA LEU A 163 -2.42 -2.13 -26.54
C LEU A 163 -2.23 -3.39 -27.38
N GLU A 164 -1.27 -3.36 -28.31
CA GLU A 164 -0.99 -4.51 -29.16
C GLU A 164 -0.50 -5.69 -28.33
N GLN A 165 0.37 -5.42 -27.36
CA GLN A 165 0.91 -6.49 -26.52
C GLN A 165 -0.16 -7.10 -25.62
N ASN A 166 -0.98 -6.26 -25.02
CA ASN A 166 -1.97 -6.78 -24.08
C ASN A 166 -3.10 -7.49 -24.82
N LEU A 167 -3.55 -6.94 -25.95
CA LEU A 167 -4.65 -7.57 -26.69
C LEU A 167 -4.23 -8.94 -27.24
N ALA A 168 -2.94 -9.10 -27.55
CA ALA A 168 -2.42 -10.39 -27.99
C ALA A 168 -2.73 -11.45 -26.94
N GLN A 169 -2.54 -11.08 -25.68
CA GLN A 169 -2.80 -12.02 -24.59
C GLN A 169 -4.28 -12.04 -24.19
N LYS A 170 -4.91 -10.86 -24.10
CA LYS A 170 -6.31 -10.81 -23.71
C LYS A 170 -7.21 -11.54 -24.71
N ASN A 171 -6.95 -11.35 -26.01
CA ASN A 171 -7.74 -12.01 -27.05
C ASN A 171 -7.62 -13.54 -27.00
N ARG A 172 -6.43 -14.06 -26.69
CA ARG A 172 -6.27 -15.50 -26.46
C ARG A 172 -7.17 -15.94 -25.32
N LEU A 173 -7.18 -15.13 -24.26
CA LEU A 173 -7.96 -15.46 -23.07
C LEU A 173 -9.46 -15.48 -23.40
N PHE A 174 -9.92 -14.50 -24.17
CA PHE A 174 -11.33 -14.40 -24.50
C PHE A 174 -11.73 -15.52 -25.46
N GLU A 175 -10.93 -15.68 -26.52
CA GLU A 175 -11.23 -16.64 -27.57
C GLU A 175 -11.13 -18.08 -27.10
N LYS A 176 -10.04 -18.44 -26.44
CA LYS A 176 -9.79 -19.83 -26.05
C LYS A 176 -10.38 -20.23 -24.68
N MSE A 177 -10.21 -19.41 -23.66
CA MSE A 177 -10.79 -19.78 -22.36
C MSE A 177 -12.28 -19.48 -22.26
O MSE A 177 -13.02 -20.24 -21.64
CB MSE A 177 -10.07 -19.10 -21.20
CG MSE A 177 -10.70 -19.47 -19.86
SE MSE A 177 -9.61 -18.87 -18.40
CE MSE A 177 -10.71 -19.33 -16.86
N TYR A 178 -12.71 -18.37 -22.84
CA TYR A 178 -14.11 -17.97 -22.67
C TYR A 178 -14.96 -18.08 -23.93
N ASP A 179 -14.41 -18.67 -24.98
CA ASP A 179 -15.14 -18.86 -26.23
C ASP A 179 -15.92 -17.62 -26.69
N THR A 180 -15.28 -16.45 -26.62
CA THR A 180 -15.95 -15.17 -26.92
C THR A 180 -15.01 -14.29 -27.72
N GLU A 181 -15.58 -13.30 -28.42
CA GLU A 181 -14.80 -12.39 -29.25
C GLU A 181 -13.91 -11.50 -28.39
N GLY A 182 -12.73 -11.19 -28.90
CA GLY A 182 -11.85 -10.25 -28.23
C GLY A 182 -12.04 -8.85 -28.78
N PHE A 183 -10.96 -8.07 -28.82
CA PHE A 183 -10.99 -6.70 -29.34
C PHE A 183 -9.83 -6.52 -30.32
N SER A 184 -10.09 -5.84 -31.43
CA SER A 184 -9.01 -5.44 -32.30
C SER A 184 -8.38 -4.17 -31.72
N VAL A 185 -7.19 -3.83 -32.17
CA VAL A 185 -6.50 -2.66 -31.63
C VAL A 185 -7.29 -1.40 -32.03
N ASP A 186 -7.87 -1.41 -33.22
CA ASP A 186 -8.55 -0.22 -33.72
C ASP A 186 -9.93 0.04 -33.10
N GLU A 187 -10.48 -0.93 -32.37
CA GLU A 187 -11.74 -0.70 -31.64
C GLU A 187 -11.50 0.19 -30.43
N ILE A 188 -10.24 0.28 -30.00
CA ILE A 188 -9.88 0.91 -28.73
C ILE A 188 -8.93 2.09 -28.90
N PHE A 189 -7.99 1.95 -29.82
CA PHE A 189 -6.89 2.89 -29.95
C PHE A 189 -7.31 4.34 -30.13
N GLU A 190 -7.90 4.68 -31.27
CA GLU A 190 -8.19 6.09 -31.55
C GLU A 190 -9.23 6.66 -30.57
N GLU A 191 -10.24 5.87 -30.25
CA GLU A 191 -11.24 6.27 -29.28
C GLU A 191 -10.58 6.64 -27.96
N TYR A 192 -9.75 5.75 -27.45
CA TYR A 192 -9.17 5.98 -26.13
C TYR A 192 -8.01 6.97 -26.10
N PHE A 193 -7.25 7.02 -27.19
CA PHE A 193 -6.21 8.04 -27.28
C PHE A 193 -6.87 9.41 -27.21
N GLU A 194 -7.98 9.59 -27.92
CA GLU A 194 -8.70 10.87 -27.87
C GLU A 194 -9.19 11.19 -26.46
N TYR A 195 -9.67 10.20 -25.71
CA TYR A 195 -10.08 10.45 -24.34
C TYR A 195 -8.91 10.99 -23.53
N GLY A 196 -7.75 10.39 -23.73
CA GLY A 196 -6.56 10.79 -23.02
C GLY A 196 -6.15 12.20 -23.37
N GLN A 197 -6.31 12.57 -24.64
CA GLN A 197 -5.99 13.94 -25.07
C GLN A 197 -6.87 14.96 -24.34
N GLN A 198 -8.12 14.58 -24.07
CA GLN A 198 -9.03 15.49 -23.38
C GLN A 198 -8.73 15.60 -21.89
N ILE A 199 -7.96 14.65 -21.38
CA ILE A 199 -7.62 14.60 -19.97
C ILE A 199 -6.20 15.16 -19.73
N ALA A 200 -5.41 15.23 -20.80
CA ALA A 200 -3.99 15.61 -20.72
C ALA A 200 -3.73 16.90 -19.93
N GLN A 201 -4.60 17.89 -20.08
CA GLN A 201 -4.44 19.15 -19.37
C GLN A 201 -4.36 18.99 -17.86
N TYR A 202 -4.91 17.90 -17.32
CA TYR A 202 -4.91 17.66 -15.87
C TYR A 202 -3.77 16.76 -15.40
N VAL A 203 -3.12 16.08 -16.34
CA VAL A 203 -2.19 15.02 -15.96
C VAL A 203 -0.82 15.54 -15.52
N CYS A 204 -0.31 15.05 -14.39
CA CYS A 204 0.97 15.56 -13.89
C CYS A 204 1.56 14.67 -12.80
N ASP A 205 2.70 15.08 -12.25
CA ASP A 205 3.28 14.37 -11.12
C ASP A 205 2.55 14.76 -9.83
N THR A 206 1.62 13.92 -9.37
CA THR A 206 0.78 14.29 -8.23
C THR A 206 1.49 14.14 -6.89
N SER A 207 2.54 13.34 -6.87
CA SER A 207 3.40 13.25 -5.70
C SER A 207 4.12 14.58 -5.41
N VAL A 208 4.60 15.21 -6.47
CA VAL A 208 5.17 16.56 -6.33
C VAL A 208 4.10 17.53 -5.82
N VAL A 209 2.94 17.53 -6.45
CA VAL A 209 1.82 18.40 -6.04
C VAL A 209 1.50 18.25 -4.55
N LEU A 210 1.32 17.01 -4.11
CA LEU A 210 0.95 16.75 -2.72
C LEU A 210 2.09 17.07 -1.76
N ASN A 211 3.31 16.67 -2.08
CA ASN A 211 4.42 16.96 -1.19
C ASN A 211 4.68 18.45 -1.04
N ASP A 212 4.53 19.19 -2.14
CA ASP A 212 4.64 20.65 -2.06
C ASP A 212 3.58 21.25 -1.13
N ALA A 213 2.33 20.81 -1.27
CA ALA A 213 1.26 21.31 -0.41
C ALA A 213 1.53 20.95 1.05
N LEU A 214 1.90 19.70 1.28
CA LEU A 214 2.18 19.21 2.63
C LEU A 214 3.35 19.93 3.28
N ASP A 215 4.46 20.05 2.55
CA ASP A 215 5.67 20.67 3.06
C ASP A 215 5.47 22.15 3.39
N ASN A 216 4.48 22.76 2.75
CA ASN A 216 4.24 24.17 2.96
C ASN A 216 3.07 24.42 3.90
N ASN A 217 2.72 23.40 4.68
CA ASN A 217 1.74 23.52 5.77
C ASN A 217 0.31 23.74 5.30
N HIS A 218 0.00 23.36 4.07
CA HIS A 218 -1.38 23.50 3.59
C HIS A 218 -2.23 22.42 4.21
N ARG A 219 -3.52 22.71 4.37
CA ARG A 219 -4.45 21.70 4.87
C ARG A 219 -4.81 20.72 3.76
N VAL A 220 -4.42 19.46 3.95
CA VAL A 220 -4.65 18.45 2.94
C VAL A 220 -5.60 17.36 3.47
N LEU A 221 -6.67 17.11 2.73
CA LEU A 221 -7.61 16.05 3.10
C LEU A 221 -7.55 14.86 2.14
N PHE A 222 -7.33 13.68 2.70
CA PHE A 222 -7.36 12.46 1.92
C PHE A 222 -8.68 11.71 2.21
N GLU A 223 -9.38 11.34 1.15
CA GLU A 223 -10.68 10.65 1.30
C GLU A 223 -10.61 9.19 0.92
N GLY A 224 -10.81 8.31 1.89
CA GLY A 224 -10.91 6.89 1.60
C GLY A 224 -12.22 6.59 0.92
N ALA A 225 -12.21 5.67 -0.06
CA ALA A 225 -13.42 5.41 -0.86
C ALA A 225 -14.32 4.31 -0.25
N GLN A 226 -13.73 3.39 0.50
CA GLN A 226 -14.46 2.30 1.15
C GLN A 226 -14.07 2.23 2.60
N GLY A 227 -14.80 1.44 3.38
CA GLY A 227 -14.45 1.24 4.78
C GLY A 227 -13.31 0.28 5.07
N VAL A 228 -12.71 0.43 6.26
CA VAL A 228 -11.59 -0.39 6.70
C VAL A 228 -11.82 -1.91 6.58
N MSE A 229 -13.02 -2.38 6.93
CA MSE A 229 -13.30 -3.80 6.84
C MSE A 229 -13.48 -4.30 5.40
O MSE A 229 -13.67 -5.49 5.18
CB MSE A 229 -14.52 -4.16 7.70
CG MSE A 229 -14.30 -3.90 9.19
SE MSE A 229 -12.62 -4.71 9.83
CE MSE A 229 -13.01 -6.59 9.47
N LEU A 230 -13.43 -3.37 4.45
CA LEU A 230 -13.38 -3.71 3.03
C LEU A 230 -11.96 -3.64 2.43
N ASP A 231 -10.97 -3.41 3.28
CA ASP A 231 -9.56 -3.32 2.87
C ASP A 231 -9.06 -4.67 2.36
N ILE A 232 -8.39 -4.68 1.21
CA ILE A 232 -7.96 -5.93 0.62
C ILE A 232 -7.03 -6.72 1.52
N ASP A 233 -6.26 -6.03 2.37
CA ASP A 233 -5.38 -6.71 3.33
C ASP A 233 -6.06 -7.04 4.66
N HIS A 234 -6.79 -6.07 5.23
CA HIS A 234 -7.16 -6.12 6.64
C HIS A 234 -8.66 -6.31 6.87
N GLY A 235 -9.42 -6.31 5.79
CA GLY A 235 -10.87 -6.49 5.84
C GLY A 235 -11.27 -7.96 5.85
N THR A 236 -12.57 -8.21 5.69
CA THR A 236 -13.07 -9.58 5.62
C THR A 236 -12.85 -10.20 4.25
N TYR A 237 -11.58 -10.40 3.92
CA TYR A 237 -11.17 -10.98 2.65
C TYR A 237 -11.82 -12.37 2.53
N PRO A 238 -12.32 -12.73 1.34
CA PRO A 238 -12.20 -12.01 0.07
C PRO A 238 -13.35 -11.04 -0.22
N PHE A 239 -14.27 -10.83 0.71
CA PHE A 239 -15.37 -9.90 0.46
C PHE A 239 -14.92 -8.48 0.77
N VAL A 240 -13.97 -8.02 -0.03
CA VAL A 240 -13.34 -6.73 0.18
C VAL A 240 -13.23 -6.00 -1.15
N THR A 241 -12.79 -4.75 -1.11
CA THR A 241 -12.51 -4.03 -2.34
C THR A 241 -11.13 -4.47 -2.83
N SER A 242 -10.73 -4.04 -4.02
CA SER A 242 -9.47 -4.48 -4.61
C SER A 242 -8.29 -3.52 -4.33
N SER A 243 -8.34 -2.80 -3.22
CA SER A 243 -7.27 -1.86 -2.89
C SER A 243 -7.25 -1.58 -1.40
N ASN A 244 -6.40 -0.65 -0.95
CA ASN A 244 -6.26 -0.35 0.47
C ASN A 244 -6.81 1.01 0.92
N PRO A 245 -8.08 1.06 1.30
CA PRO A 245 -8.65 2.32 1.84
C PRO A 245 -8.16 2.68 3.23
N ILE A 246 -7.44 1.79 3.93
CA ILE A 246 -6.87 2.15 5.23
C ILE A 246 -5.99 3.39 5.06
N ALA A 247 -5.75 4.14 6.13
CA ALA A 247 -5.01 5.40 6.01
C ALA A 247 -3.59 5.17 5.45
N GLY A 248 -3.02 4.00 5.75
CA GLY A 248 -1.74 3.63 5.19
C GLY A 248 -1.72 3.70 3.67
N GLY A 249 -2.88 3.48 3.05
CA GLY A 249 -3.01 3.50 1.60
C GLY A 249 -2.68 4.84 0.97
N VAL A 250 -2.79 5.89 1.78
CA VAL A 250 -2.43 7.23 1.34
C VAL A 250 -0.95 7.31 0.92
N THR A 251 -0.08 6.77 1.76
CA THR A 251 1.36 6.87 1.51
C THR A 251 1.74 6.24 0.16
N VAL A 252 1.27 5.02 -0.05
CA VAL A 252 1.52 4.28 -1.29
C VAL A 252 0.70 4.83 -2.45
N GLY A 253 -0.53 5.24 -2.16
CA GLY A 253 -1.47 5.65 -3.20
C GLY A 253 -1.27 7.07 -3.73
N THR A 254 -0.52 7.90 -3.01
CA THR A 254 -0.20 9.25 -3.53
C THR A 254 1.31 9.52 -3.57
N GLY A 255 2.10 8.64 -2.98
CA GLY A 255 3.54 8.87 -2.92
C GLY A 255 3.91 9.94 -1.92
N VAL A 256 3.50 9.76 -0.66
CA VAL A 256 3.97 10.64 0.41
C VAL A 256 4.44 9.80 1.57
N GLY A 257 5.40 10.31 2.32
CA GLY A 257 5.94 9.58 3.45
C GLY A 257 4.94 9.41 4.59
N PRO A 258 5.10 8.35 5.40
CA PRO A 258 4.18 8.17 6.52
C PRO A 258 4.25 9.32 7.53
N ALA A 259 5.40 10.00 7.62
CA ALA A 259 5.57 11.13 8.54
C ALA A 259 4.72 12.35 8.16
N LYS A 260 4.11 12.33 6.98
CA LYS A 260 3.36 13.50 6.48
C LYS A 260 1.85 13.31 6.53
N VAL A 261 1.40 12.21 7.13
CA VAL A 261 -0.01 11.93 7.34
C VAL A 261 -0.31 12.08 8.83
N THR A 262 -0.88 13.22 9.21
CA THR A 262 -0.87 13.62 10.61
C THR A 262 -2.00 13.06 11.45
N ARG A 263 -3.23 13.19 10.96
CA ARG A 263 -4.39 12.76 11.72
C ARG A 263 -5.25 11.84 10.86
N VAL A 264 -5.81 10.81 11.49
CA VAL A 264 -6.72 9.94 10.79
C VAL A 264 -8.07 9.93 11.50
N VAL A 265 -9.10 10.41 10.82
CA VAL A 265 -10.44 10.36 11.38
C VAL A 265 -11.16 9.07 10.98
N GLY A 266 -11.45 8.24 11.96
CA GLY A 266 -12.26 7.06 11.73
C GLY A 266 -13.73 7.38 11.93
N VAL A 267 -14.50 7.24 10.85
CA VAL A 267 -15.94 7.50 10.91
C VAL A 267 -16.65 6.20 11.31
N CYS A 268 -17.38 6.26 12.41
CA CYS A 268 -17.96 5.07 12.97
C CYS A 268 -19.40 5.32 13.34
N LYS A 269 -20.25 4.33 13.11
CA LYS A 269 -21.64 4.42 13.51
C LYS A 269 -21.78 3.84 14.92
N ALA A 270 -22.81 4.24 15.64
CA ALA A 270 -23.01 3.84 17.03
C ALA A 270 -23.43 2.37 17.14
N TYR A 271 -23.80 1.80 16.00
CA TYR A 271 -24.14 0.39 15.87
C TYR A 271 -23.48 -0.07 14.58
N THR A 272 -23.50 -1.39 14.34
CA THR A 272 -22.84 -1.94 13.15
C THR A 272 -23.87 -2.27 12.07
N SER A 273 -23.47 -2.11 10.81
CA SER A 273 -24.30 -2.51 9.69
C SER A 273 -23.45 -3.28 8.67
N ARG A 274 -24.08 -4.24 8.00
CA ARG A 274 -23.40 -4.97 6.94
C ARG A 274 -24.37 -5.14 5.78
N VAL A 275 -23.81 -5.14 4.57
CA VAL A 275 -24.56 -5.42 3.35
C VAL A 275 -24.35 -6.89 2.94
N GLY A 276 -23.11 -7.35 3.04
CA GLY A 276 -22.75 -8.71 2.65
C GLY A 276 -23.32 -9.77 3.57
N ASP A 277 -23.01 -11.03 3.25
CA ASP A 277 -23.61 -12.19 3.91
C ASP A 277 -22.67 -12.88 4.88
N GLY A 278 -21.45 -12.35 5.03
CA GLY A 278 -20.43 -12.96 5.87
C GLY A 278 -20.72 -12.94 7.35
N PRO A 279 -19.73 -13.38 8.16
CA PRO A 279 -19.92 -13.48 9.61
C PRO A 279 -20.15 -12.11 10.22
N PHE A 280 -20.94 -12.05 11.30
CA PHE A 280 -21.39 -10.80 11.88
C PHE A 280 -21.77 -11.11 13.32
N PRO A 281 -20.76 -11.06 14.22
CA PRO A 281 -20.86 -11.51 15.61
C PRO A 281 -22.00 -10.89 16.41
N THR A 282 -22.22 -9.59 16.24
CA THR A 282 -23.19 -8.88 17.07
C THR A 282 -24.50 -8.62 16.36
N GLU A 283 -24.80 -9.41 15.34
CA GLU A 283 -26.00 -9.19 14.52
C GLU A 283 -27.27 -9.32 15.36
N LEU A 284 -28.23 -8.44 15.07
CA LEU A 284 -29.51 -8.46 15.76
C LEU A 284 -30.59 -8.92 14.80
N HIS A 285 -31.29 -10.00 15.18
CA HIS A 285 -32.34 -10.57 14.35
C HIS A 285 -33.71 -10.23 14.91
N ASP A 286 -33.74 -9.64 16.10
CA ASP A 286 -34.98 -9.44 16.84
C ASP A 286 -35.63 -8.07 16.59
N GLU A 287 -36.52 -7.70 17.50
CA GLU A 287 -37.23 -6.43 17.46
C GLU A 287 -36.29 -5.22 17.63
N ILE A 288 -35.18 -5.42 18.33
CA ILE A 288 -34.21 -4.35 18.51
C ILE A 288 -33.54 -4.00 17.18
N GLY A 289 -33.15 -5.03 16.43
CA GLY A 289 -32.54 -4.82 15.12
C GLY A 289 -33.55 -4.23 14.15
N HIS A 290 -34.81 -4.64 14.28
CA HIS A 290 -35.87 -4.09 13.44
C HIS A 290 -36.01 -2.58 13.66
N GLN A 291 -36.06 -2.18 14.92
CA GLN A 291 -36.12 -0.78 15.30
C GLN A 291 -34.90 0.02 14.82
N ILE A 292 -33.70 -0.52 15.05
CA ILE A 292 -32.48 0.15 14.59
C ILE A 292 -32.50 0.31 13.07
N ARG A 293 -32.86 -0.74 12.35
CA ARG A 293 -32.96 -0.68 10.89
C ARG A 293 -33.97 0.36 10.40
N GLU A 294 -35.17 0.34 10.96
CA GLU A 294 -36.21 1.28 10.53
C GLU A 294 -35.85 2.73 10.84
N VAL A 295 -35.47 3.00 12.10
CA VAL A 295 -35.09 4.34 12.52
C VAL A 295 -33.80 4.81 11.85
N GLY A 296 -32.84 3.90 11.67
CA GLY A 296 -31.59 4.27 11.04
C GLY A 296 -31.63 4.27 9.52
N ARG A 297 -32.80 3.91 8.97
CA ARG A 297 -32.99 3.85 7.51
C ARG A 297 -31.94 3.00 6.82
N GLU A 298 -31.64 1.85 7.43
CA GLU A 298 -30.56 1.00 6.93
C GLU A 298 -31.04 0.13 5.76
N TYR A 299 -31.26 0.77 4.62
CA TYR A 299 -31.61 0.12 3.37
C TYR A 299 -30.68 0.67 2.31
N GLY A 300 -30.25 -0.18 1.37
CA GLY A 300 -29.38 0.27 0.30
C GLY A 300 -30.08 1.37 -0.48
N THR A 301 -29.41 2.51 -0.66
CA THR A 301 -30.07 3.66 -1.27
C THR A 301 -30.37 3.42 -2.75
N THR A 302 -29.55 2.60 -3.40
CA THR A 302 -29.72 2.27 -4.81
C THR A 302 -30.38 0.90 -5.00
N THR A 303 -30.03 -0.06 -4.16
CA THR A 303 -30.57 -1.41 -4.27
C THR A 303 -31.91 -1.57 -3.56
N GLY A 304 -32.14 -0.79 -2.51
CA GLY A 304 -33.36 -0.90 -1.73
C GLY A 304 -33.34 -2.06 -0.75
N ARG A 305 -32.28 -2.85 -0.78
CA ARG A 305 -32.22 -4.06 0.04
C ARG A 305 -31.89 -3.69 1.50
N PRO A 306 -32.59 -4.32 2.46
CA PRO A 306 -32.29 -4.03 3.87
C PRO A 306 -30.88 -4.45 4.25
N ARG A 307 -30.26 -3.67 5.13
CA ARG A 307 -28.96 -4.04 5.66
C ARG A 307 -29.11 -4.83 6.95
N ARG A 308 -28.09 -5.61 7.25
CA ARG A 308 -28.01 -6.33 8.51
C ARG A 308 -27.51 -5.34 9.55
N VAL A 309 -28.11 -5.37 10.72
CA VAL A 309 -27.66 -4.50 11.80
C VAL A 309 -27.35 -5.29 13.07
N GLY A 310 -26.54 -4.69 13.92
CA GLY A 310 -26.19 -5.30 15.19
C GLY A 310 -25.50 -4.32 16.10
N TRP A 311 -25.14 -4.76 17.30
CA TRP A 311 -24.52 -3.86 18.28
C TRP A 311 -23.15 -3.34 17.81
N PHE A 312 -22.75 -2.20 18.35
CA PHE A 312 -21.38 -1.72 18.21
C PHE A 312 -20.37 -2.82 18.56
N ASP A 313 -19.39 -3.04 17.68
CA ASP A 313 -18.37 -4.08 17.90
C ASP A 313 -17.00 -3.43 18.09
N SER A 314 -16.51 -3.37 19.34
CA SER A 314 -15.26 -2.67 19.61
C SER A 314 -14.02 -3.53 19.29
N VAL A 315 -14.22 -4.82 19.07
CA VAL A 315 -13.12 -5.68 18.61
C VAL A 315 -12.78 -5.27 17.19
N VAL A 316 -13.82 -5.09 16.40
CA VAL A 316 -13.67 -4.64 15.03
C VAL A 316 -13.05 -3.24 14.97
N VAL A 317 -13.57 -2.32 15.79
CA VAL A 317 -13.06 -0.94 15.73
C VAL A 317 -11.61 -0.80 16.25
N ARG A 318 -11.25 -1.54 17.30
CA ARG A 318 -9.85 -1.55 17.76
C ARG A 318 -8.94 -2.15 16.68
N HIS A 319 -9.46 -3.12 15.95
CA HIS A 319 -8.74 -3.67 14.81
C HIS A 319 -8.53 -2.58 13.77
N ALA A 320 -9.59 -1.83 13.48
CA ALA A 320 -9.50 -0.71 12.56
C ALA A 320 -8.50 0.32 13.06
N ARG A 321 -8.44 0.53 14.38
CA ARG A 321 -7.54 1.55 14.90
C ARG A 321 -6.09 1.16 14.61
N ARG A 322 -5.75 -0.10 14.87
CA ARG A 322 -4.42 -0.61 14.59
C ARG A 322 -4.05 -0.51 13.10
N VAL A 323 -4.85 -1.11 12.23
CA VAL A 323 -4.43 -1.25 10.84
C VAL A 323 -4.52 0.05 10.05
N SER A 324 -5.29 0.99 10.56
CA SER A 324 -5.49 2.25 9.86
C SER A 324 -4.99 3.45 10.67
N GLY A 325 -4.39 3.17 11.83
CA GLY A 325 -3.74 4.22 12.60
C GLY A 325 -4.69 5.34 12.95
N LEU A 326 -5.92 4.97 13.34
CA LEU A 326 -6.93 5.95 13.72
C LEU A 326 -6.47 6.78 14.91
N THR A 327 -6.62 8.09 14.81
CA THR A 327 -6.25 8.99 15.89
C THR A 327 -7.46 9.74 16.43
N ASP A 328 -8.47 9.89 15.59
CA ASP A 328 -9.67 10.65 15.95
C ASP A 328 -10.92 9.87 15.57
N LEU A 329 -11.94 9.94 16.42
CA LEU A 329 -13.19 9.22 16.21
C LEU A 329 -14.34 10.19 15.91
N SER A 330 -15.03 9.92 14.81
CA SER A 330 -16.30 10.57 14.55
C SER A 330 -17.41 9.53 14.73
N LEU A 331 -18.26 9.74 15.73
CA LEU A 331 -19.28 8.76 16.07
C LEU A 331 -20.65 9.22 15.59
N ASN A 332 -21.24 8.51 14.64
CA ASN A 332 -22.49 8.96 14.03
C ASN A 332 -23.69 8.08 14.37
N SER A 333 -24.88 8.57 14.01
CA SER A 333 -26.16 7.90 14.21
C SER A 333 -26.47 7.53 15.67
N ILE A 334 -26.01 8.35 16.61
CA ILE A 334 -26.26 8.11 18.03
C ILE A 334 -27.76 8.18 18.40
N ASP A 335 -28.49 9.08 17.74
CA ASP A 335 -29.93 9.23 17.95
C ASP A 335 -30.72 7.95 17.72
N VAL A 336 -30.23 7.10 16.82
CA VAL A 336 -30.92 5.87 16.43
C VAL A 336 -31.06 4.90 17.60
N LEU A 337 -30.22 5.04 18.62
CA LEU A 337 -30.26 4.12 19.76
C LEU A 337 -31.22 4.55 20.88
N THR A 338 -31.99 5.60 20.63
CA THR A 338 -32.91 6.11 21.62
C THR A 338 -34.03 5.11 21.93
N GLY A 339 -34.41 5.01 23.19
CA GLY A 339 -35.56 4.21 23.59
C GLY A 339 -35.26 2.71 23.61
N ILE A 340 -34.00 2.38 23.89
CA ILE A 340 -33.58 0.99 24.01
C ILE A 340 -32.99 0.79 25.41
N PRO A 341 -33.78 0.19 26.31
CA PRO A 341 -33.48 0.19 27.74
C PRO A 341 -32.13 -0.42 28.08
N THR A 342 -31.72 -1.43 27.32
CA THR A 342 -30.43 -2.06 27.55
C THR A 342 -29.59 -2.04 26.29
N LEU A 343 -28.51 -1.27 26.32
CA LEU A 343 -27.60 -1.20 25.19
C LEU A 343 -26.41 -2.13 25.41
N LYS A 344 -25.95 -2.74 24.34
CA LYS A 344 -24.78 -3.62 24.43
C LYS A 344 -23.65 -3.15 23.52
N ILE A 345 -22.42 -3.28 24.02
CA ILE A 345 -21.23 -3.10 23.20
C ILE A 345 -20.34 -4.33 23.31
N CYS A 346 -20.02 -4.94 22.17
CA CYS A 346 -19.11 -6.07 22.14
C CYS A 346 -17.67 -5.64 22.46
N VAL A 347 -17.07 -6.29 23.47
CA VAL A 347 -15.71 -5.94 23.90
C VAL A 347 -14.71 -7.05 23.65
N ALA A 348 -15.22 -8.24 23.34
CA ALA A 348 -14.38 -9.41 23.10
C ALA A 348 -15.15 -10.50 22.37
N TYR A 349 -14.45 -11.53 21.92
CA TYR A 349 -15.05 -12.66 21.24
C TYR A 349 -14.77 -13.94 22.03
N LYS A 350 -15.77 -14.80 22.15
CA LYS A 350 -15.57 -16.15 22.66
C LYS A 350 -15.44 -17.07 21.44
N CYS A 351 -14.28 -17.72 21.31
CA CYS A 351 -14.03 -18.54 20.13
C CYS A 351 -13.41 -19.89 20.50
N ASP A 352 -14.14 -20.96 20.20
CA ASP A 352 -13.71 -22.32 20.49
C ASP A 352 -13.43 -22.52 21.97
N GLY A 353 -14.06 -21.69 22.80
CA GLY A 353 -13.89 -21.76 24.24
C GLY A 353 -12.82 -20.84 24.79
N LYS A 354 -12.27 -19.98 23.94
CA LYS A 354 -11.25 -19.03 24.38
C LYS A 354 -11.69 -17.58 24.15
N VAL A 355 -11.29 -16.68 25.03
CA VAL A 355 -11.62 -15.26 24.89
C VAL A 355 -10.50 -14.52 24.16
N ILE A 356 -10.83 -13.96 22.99
CA ILE A 356 -9.84 -13.30 22.15
C ILE A 356 -10.24 -11.87 21.85
N ASP A 357 -9.25 -11.06 21.49
CA ASP A 357 -9.48 -9.66 21.14
C ASP A 357 -8.76 -9.34 19.83
N GLU A 358 -9.14 -10.05 18.78
CA GLU A 358 -8.59 -9.82 17.45
C GLU A 358 -9.68 -10.25 16.48
N VAL A 359 -9.66 -9.71 15.27
CA VAL A 359 -10.57 -10.19 14.24
C VAL A 359 -9.88 -11.34 13.51
N PRO A 360 -10.45 -12.56 13.60
CA PRO A 360 -9.79 -13.68 12.93
C PRO A 360 -9.65 -13.40 11.44
N ALA A 361 -8.54 -13.81 10.84
CA ALA A 361 -8.35 -13.70 9.40
C ALA A 361 -9.19 -14.76 8.68
N ASN A 362 -9.43 -15.87 9.37
CA ASN A 362 -10.21 -16.99 8.84
C ASN A 362 -11.70 -16.79 9.15
N LEU A 363 -12.53 -16.62 8.11
CA LEU A 363 -13.94 -16.32 8.31
C LEU A 363 -14.72 -17.48 8.96
N ASN A 364 -14.23 -18.71 8.79
CA ASN A 364 -14.85 -19.85 9.46
C ASN A 364 -14.67 -19.74 10.97
N ILE A 365 -13.55 -19.13 11.37
CA ILE A 365 -13.26 -18.86 12.78
C ILE A 365 -14.06 -17.64 13.24
N LEU A 366 -14.16 -16.63 12.38
CA LEU A 366 -14.98 -15.47 12.68
C LEU A 366 -16.44 -15.88 12.88
N ALA A 367 -16.87 -16.90 12.17
CA ALA A 367 -18.24 -17.35 12.26
C ALA A 367 -18.53 -18.09 13.56
N LYS A 368 -17.48 -18.58 14.23
CA LYS A 368 -17.65 -19.29 15.49
C LYS A 368 -17.55 -18.34 16.66
N CYS A 369 -17.29 -17.06 16.37
CA CYS A 369 -17.08 -16.07 17.43
C CYS A 369 -18.39 -15.58 18.03
N GLU A 370 -18.57 -15.84 19.31
CA GLU A 370 -19.71 -15.28 20.03
C GLU A 370 -19.27 -14.02 20.78
N PRO A 371 -20.08 -12.96 20.70
CA PRO A 371 -19.68 -11.72 21.37
C PRO A 371 -19.76 -11.79 22.90
N VAL A 372 -18.73 -11.21 23.53
CA VAL A 372 -18.76 -10.91 24.96
C VAL A 372 -19.09 -9.43 25.08
N CYS A 373 -20.20 -9.10 25.75
CA CYS A 373 -20.72 -7.74 25.73
C CYS A 373 -20.82 -7.04 27.08
N GLU A 374 -20.61 -5.73 27.07
CA GLU A 374 -20.97 -4.88 28.20
C GLU A 374 -22.39 -4.40 27.98
N GLU A 375 -23.15 -4.31 29.06
CA GLU A 375 -24.49 -3.72 29.01
C GLU A 375 -24.47 -2.31 29.59
N LEU A 376 -25.06 -1.37 28.87
CA LEU A 376 -25.22 -0.01 29.36
C LEU A 376 -26.69 0.38 29.39
N PRO A 377 -27.10 1.16 30.39
CA PRO A 377 -28.49 1.63 30.38
C PRO A 377 -28.72 2.63 29.24
N GLY A 378 -29.91 2.58 28.63
CA GLY A 378 -30.22 3.47 27.53
C GLY A 378 -30.92 4.73 28.00
N TRP A 379 -31.35 5.55 27.04
CA TRP A 379 -32.05 6.79 27.36
C TRP A 379 -33.34 6.87 26.57
N THR A 380 -34.15 7.86 26.91
CA THR A 380 -35.48 8.03 26.33
C THR A 380 -35.65 9.38 25.61
N GLU A 381 -34.92 10.38 26.05
CA GLU A 381 -35.03 11.73 25.49
C GLU A 381 -34.64 11.80 24.02
N ASP A 382 -35.30 12.67 23.27
CA ASP A 382 -34.90 12.92 21.89
C ASP A 382 -33.63 13.73 21.92
N ILE A 383 -32.53 13.16 21.47
CA ILE A 383 -31.22 13.83 21.50
C ILE A 383 -30.91 14.48 20.17
N THR A 384 -31.90 14.50 19.29
CA THR A 384 -31.74 15.01 17.94
C THR A 384 -31.40 16.52 17.90
N GLY A 385 -31.72 17.23 18.97
CA GLY A 385 -31.43 18.65 19.04
C GLY A 385 -30.14 18.98 19.76
N VAL A 386 -29.42 17.96 20.23
CA VAL A 386 -28.23 18.17 21.04
C VAL A 386 -27.03 18.66 20.23
N ARG A 387 -26.31 19.63 20.77
CA ARG A 387 -25.23 20.30 20.04
C ARG A 387 -23.89 20.32 20.81
N SER A 388 -23.86 19.71 21.98
CA SER A 388 -22.61 19.54 22.71
C SER A 388 -22.74 18.35 23.65
N LEU A 389 -21.59 17.80 24.05
CA LEU A 389 -21.58 16.65 24.96
C LEU A 389 -22.36 16.90 26.25
N ASP A 390 -22.32 18.15 26.73
CA ASP A 390 -22.95 18.51 28.00
C ASP A 390 -24.48 18.47 27.92
N GLU A 391 -25.02 18.44 26.71
CA GLU A 391 -26.47 18.44 26.51
C GLU A 391 -27.06 17.03 26.40
N LEU A 392 -26.21 16.05 26.16
CA LEU A 392 -26.66 14.67 26.15
C LEU A 392 -27.21 14.28 27.53
N PRO A 393 -28.33 13.55 27.54
CA PRO A 393 -28.72 12.95 28.82
C PRO A 393 -27.59 12.05 29.34
N GLU A 394 -27.57 11.84 30.64
CA GLU A 394 -26.49 11.12 31.31
C GLU A 394 -26.12 9.79 30.61
N ASN A 395 -27.13 9.00 30.28
CA ASN A 395 -26.89 7.67 29.73
C ASN A 395 -26.39 7.67 28.30
N ALA A 396 -26.77 8.69 27.54
CA ALA A 396 -26.26 8.85 26.19
C ALA A 396 -24.81 9.32 26.20
N ARG A 397 -24.47 10.22 27.13
CA ARG A 397 -23.10 10.69 27.20
C ARG A 397 -22.21 9.52 27.64
N LYS A 398 -22.65 8.78 28.66
CA LYS A 398 -21.88 7.64 29.13
C LYS A 398 -21.69 6.58 28.05
N TYR A 399 -22.67 6.42 27.17
CA TYR A 399 -22.53 5.48 26.06
C TYR A 399 -21.43 5.95 25.10
N VAL A 400 -21.49 7.22 24.74
CA VAL A 400 -20.49 7.82 23.84
C VAL A 400 -19.08 7.76 24.44
N GLU A 401 -18.97 8.09 25.72
CA GLU A 401 -17.70 8.05 26.42
C GLU A 401 -17.13 6.63 26.48
N ARG A 402 -18.01 5.66 26.63
CA ARG A 402 -17.61 4.25 26.73
C ARG A 402 -17.05 3.75 25.40
N VAL A 403 -17.66 4.18 24.30
CA VAL A 403 -17.15 3.83 22.97
C VAL A 403 -15.72 4.35 22.77
N SER A 404 -15.48 5.59 23.11
CA SER A 404 -14.14 6.13 23.10
C SER A 404 -13.22 5.29 24.00
N GLU A 405 -13.59 5.11 25.24
CA GLU A 405 -12.78 4.33 26.17
C GLU A 405 -12.44 2.94 25.65
N LEU A 406 -13.44 2.22 25.15
CA LEU A 406 -13.25 0.84 24.68
C LEU A 406 -12.37 0.74 23.43
N THR A 407 -12.48 1.72 22.54
CA THR A 407 -11.73 1.68 21.28
C THR A 407 -10.34 2.28 21.41
N GLY A 408 -10.15 3.09 22.45
CA GLY A 408 -8.89 3.79 22.65
C GLY A 408 -8.71 4.98 21.73
N ILE A 409 -9.80 5.45 21.13
CA ILE A 409 -9.74 6.56 20.19
C ILE A 409 -10.48 7.75 20.78
N GLN A 410 -9.83 8.90 20.81
CA GLN A 410 -10.43 10.11 21.36
C GLN A 410 -11.58 10.58 20.50
N LEU A 411 -12.66 11.03 21.15
CA LEU A 411 -13.81 11.57 20.44
C LEU A 411 -13.46 12.91 19.82
N SER A 412 -13.74 13.09 18.53
CA SER A 412 -13.45 14.37 17.87
C SER A 412 -14.68 14.98 17.18
N MSE A 413 -15.66 14.13 16.84
CA MSE A 413 -16.97 14.58 16.38
C MSE A 413 -18.04 13.55 16.78
O MSE A 413 -17.76 12.35 16.81
CB MSE A 413 -17.05 14.77 14.86
CG MSE A 413 -16.01 15.68 14.21
SE MSE A 413 -14.63 14.66 13.30
CE MSE A 413 -13.82 16.02 12.19
N PHE A 414 -19.25 14.01 17.06
CA PHE A 414 -20.37 13.09 17.15
C PHE A 414 -21.57 13.65 16.39
N SER A 415 -22.43 12.77 15.88
CA SER A 415 -23.60 13.19 15.10
C SER A 415 -24.89 12.63 15.70
N VAL A 416 -25.94 13.46 15.76
CA VAL A 416 -27.22 13.04 16.32
C VAL A 416 -28.36 13.14 15.30
N GLY A 417 -28.00 13.22 14.02
CA GLY A 417 -28.98 13.28 12.96
C GLY A 417 -28.30 13.44 11.61
N PRO A 418 -29.07 13.37 10.52
CA PRO A 418 -28.52 13.41 9.15
C PRO A 418 -28.08 14.81 8.71
N ASP A 419 -28.57 15.85 9.36
CA ASP A 419 -28.29 17.21 8.93
C ASP A 419 -26.84 17.61 9.20
N ARG A 420 -26.39 18.64 8.47
CA ARG A 420 -25.05 19.19 8.66
C ARG A 420 -24.87 19.74 10.08
N ASN A 421 -25.82 20.57 10.50
CA ASN A 421 -25.77 21.21 11.81
C ASN A 421 -25.90 20.22 12.97
N GLN A 422 -26.18 18.97 12.63
CA GLN A 422 -26.31 17.91 13.62
C GLN A 422 -25.00 17.13 13.79
N THR A 423 -23.94 17.64 13.18
CA THR A 423 -22.59 17.14 13.41
C THR A 423 -21.89 18.08 14.38
N ASN A 424 -21.52 17.55 15.55
CA ASN A 424 -20.95 18.37 16.62
C ASN A 424 -19.45 18.16 16.74
N ILE A 425 -18.68 19.23 16.56
CA ILE A 425 -17.23 19.18 16.59
C ILE A 425 -16.69 19.29 18.02
N VAL A 426 -15.93 18.30 18.44
CA VAL A 426 -15.36 18.29 19.79
C VAL A 426 -13.92 18.78 19.71
N ARG A 427 -13.34 18.63 18.53
CA ARG A 427 -11.92 18.84 18.34
C ARG A 427 -11.65 19.21 16.88
N ASN A 428 -10.77 20.17 16.66
CA ASN A 428 -10.36 20.54 15.31
C ASN A 428 -9.18 19.70 14.83
N VAL A 429 -9.41 18.85 13.83
CA VAL A 429 -8.36 17.93 13.40
C VAL A 429 -7.29 18.52 12.48
N TYR A 430 -7.48 19.75 12.00
CA TYR A 430 -6.45 20.41 11.21
C TYR A 430 -5.37 21.09 12.07
N GLU A 431 -5.63 21.27 13.36
CA GLU A 431 -4.69 22.01 14.21
C GLU A 431 -3.82 21.12 15.10
N ALA A 432 -2.52 21.42 15.11
CA ALA A 432 -1.56 20.67 15.89
C ALA A 432 -0.78 21.61 16.81
N MSE B 4 7.99 6.67 20.58
CA MSE B 4 8.09 5.63 19.55
C MSE B 4 9.46 5.62 18.88
O MSE B 4 10.16 6.63 18.85
CB MSE B 4 6.99 5.80 18.50
CG MSE B 4 6.28 4.51 18.17
SE MSE B 4 4.40 4.83 17.85
CE MSE B 4 3.61 3.69 19.19
N SER B 5 9.82 4.47 18.33
CA SER B 5 11.19 4.26 17.91
C SER B 5 11.28 3.25 16.78
N SER B 6 10.70 3.57 15.64
CA SER B 6 10.68 2.64 14.51
C SER B 6 11.50 3.18 13.34
N VAL B 7 12.16 2.28 12.63
CA VAL B 7 13.01 2.64 11.50
C VAL B 7 12.69 1.78 10.29
N VAL B 8 12.60 2.41 9.12
CA VAL B 8 12.50 1.66 7.88
C VAL B 8 13.82 1.83 7.12
N VAL B 9 14.33 0.72 6.59
CA VAL B 9 15.53 0.80 5.77
C VAL B 9 15.18 0.39 4.36
N VAL B 10 15.47 1.24 3.39
CA VAL B 10 15.13 0.93 2.01
C VAL B 10 16.20 1.45 1.07
N GLY B 11 16.41 0.72 -0.04
CA GLY B 11 17.31 1.18 -1.08
C GLY B 11 16.61 2.29 -1.85
N THR B 12 17.33 3.33 -2.22
CA THR B 12 16.70 4.47 -2.86
C THR B 12 16.78 4.38 -4.37
N GLN B 13 17.53 3.40 -4.85
CA GLN B 13 17.77 3.29 -6.29
C GLN B 13 17.20 1.98 -6.83
N TRP B 14 17.97 1.29 -7.66
CA TRP B 14 17.50 0.06 -8.29
C TRP B 14 18.20 -1.18 -7.69
N GLY B 15 18.42 -1.18 -6.39
CA GLY B 15 19.11 -2.28 -5.74
C GLY B 15 20.61 -2.07 -5.69
N ASP B 16 21.30 -2.95 -4.96
CA ASP B 16 22.75 -2.94 -4.86
C ASP B 16 23.31 -1.65 -4.24
N GLU B 17 22.48 -0.98 -3.46
CA GLU B 17 22.93 0.23 -2.76
C GLU B 17 23.83 -0.14 -1.60
N GLY B 18 23.75 -1.39 -1.15
CA GLY B 18 24.48 -1.85 0.00
C GLY B 18 23.68 -1.74 1.28
N LYS B 19 22.36 -1.94 1.20
CA LYS B 19 21.52 -1.86 2.39
C LYS B 19 21.83 -2.98 3.38
N GLY B 20 22.49 -4.03 2.89
CA GLY B 20 22.84 -5.19 3.71
C GLY B 20 23.66 -4.85 4.94
N LYS B 21 24.73 -4.11 4.72
CA LYS B 21 25.53 -3.57 5.79
C LYS B 21 24.70 -2.76 6.74
N ILE B 22 23.85 -1.93 6.20
CA ILE B 22 23.07 -0.99 6.99
C ILE B 22 22.01 -1.72 7.81
N THR B 23 21.36 -2.71 7.17
CA THR B 23 20.39 -3.57 7.83
C THR B 23 21.02 -4.40 8.95
N ASP B 24 22.18 -4.97 8.67
CA ASP B 24 22.89 -5.73 9.68
C ASP B 24 23.21 -4.88 10.90
N PHE B 25 23.57 -3.62 10.68
CA PHE B 25 23.92 -2.73 11.78
C PHE B 25 22.69 -2.35 12.61
N LEU B 26 21.61 -1.97 11.92
CA LEU B 26 20.39 -1.57 12.61
C LEU B 26 19.68 -2.76 13.27
N SER B 27 19.84 -3.95 12.73
CA SER B 27 19.14 -5.05 13.34
C SER B 27 19.75 -5.49 14.67
N GLU B 28 21.02 -5.16 14.90
CA GLU B 28 21.65 -5.42 16.19
C GLU B 28 20.99 -4.67 17.34
N HIS B 29 20.55 -3.45 17.05
CA HIS B 29 19.94 -2.60 18.07
C HIS B 29 18.42 -2.72 18.08
N ALA B 30 17.86 -3.39 17.07
CA ALA B 30 16.41 -3.59 17.01
C ALA B 30 15.93 -4.65 18.01
N GLU B 31 14.70 -4.52 18.47
CA GLU B 31 14.10 -5.57 19.29
C GLU B 31 13.10 -6.37 18.44
N VAL B 32 12.58 -5.74 17.40
CA VAL B 32 11.71 -6.42 16.44
C VAL B 32 12.17 -6.09 15.03
N VAL B 33 12.24 -7.09 14.17
CA VAL B 33 12.61 -6.88 12.77
C VAL B 33 11.52 -7.44 11.87
N ALA B 34 11.04 -6.65 10.91
CA ALA B 34 9.90 -7.09 10.11
C ALA B 34 10.05 -6.93 8.60
N ARG B 35 9.56 -7.92 7.86
CA ARG B 35 9.38 -7.76 6.41
C ARG B 35 7.96 -7.28 6.15
N TYR B 36 7.76 -6.49 5.10
CA TYR B 36 6.44 -5.94 4.84
C TYR B 36 5.90 -6.10 3.41
N GLN B 37 6.74 -6.61 2.51
CA GLN B 37 6.29 -6.86 1.14
C GLN B 37 7.21 -7.84 0.44
N GLY B 38 6.74 -8.37 -0.69
CA GLY B 38 7.56 -9.18 -1.55
C GLY B 38 7.41 -10.65 -1.22
N GLY B 39 8.22 -11.48 -1.88
CA GLY B 39 8.23 -12.90 -1.61
C GLY B 39 9.59 -13.41 -1.21
N ASN B 40 9.92 -14.61 -1.67
CA ASN B 40 11.18 -15.28 -1.35
C ASN B 40 12.20 -15.01 -2.43
N ASN B 41 12.44 -13.72 -2.70
CA ASN B 41 13.24 -13.31 -3.84
C ASN B 41 14.18 -12.18 -3.45
N ALA B 42 14.87 -12.35 -2.34
CA ALA B 42 15.80 -11.34 -1.86
C ALA B 42 17.01 -11.99 -1.23
N GLY B 43 17.82 -11.19 -0.56
CA GLY B 43 18.89 -11.70 0.26
C GLY B 43 20.29 -11.22 -0.06
N HIS B 44 21.03 -10.88 0.98
CA HIS B 44 22.44 -10.55 0.89
C HIS B 44 23.13 -11.52 1.84
N THR B 45 24.39 -11.86 1.56
CA THR B 45 25.14 -12.72 2.45
C THR B 45 25.32 -12.05 3.81
N ILE B 46 25.12 -12.82 4.88
CA ILE B 46 25.31 -12.32 6.23
C ILE B 46 26.35 -13.16 6.99
N VAL B 51 31.15 -18.11 8.46
CA VAL B 51 29.92 -18.85 8.24
C VAL B 51 28.84 -18.00 7.53
N LYS B 52 28.60 -18.31 6.25
CA LYS B 52 27.74 -17.48 5.41
C LYS B 52 26.27 -17.89 5.47
N TYR B 53 25.39 -16.89 5.58
CA TYR B 53 23.97 -17.11 5.53
C TYR B 53 23.33 -16.25 4.45
N LYS B 54 22.35 -16.83 3.75
CA LYS B 54 21.51 -16.03 2.87
C LYS B 54 20.06 -16.25 3.27
N LEU B 55 19.38 -15.16 3.58
CA LEU B 55 17.99 -15.22 3.99
C LEU B 55 17.18 -14.71 2.82
N HIS B 56 15.96 -15.20 2.71
CA HIS B 56 15.11 -14.85 1.57
C HIS B 56 13.80 -14.26 2.02
N LEU B 57 13.14 -14.95 2.94
CA LEU B 57 11.81 -14.57 3.38
C LEU B 57 11.90 -14.12 4.83
N ILE B 58 12.81 -14.73 5.58
CA ILE B 58 12.93 -14.50 7.01
C ILE B 58 13.76 -13.26 7.32
N PRO B 59 13.24 -12.35 8.17
CA PRO B 59 13.93 -11.09 8.46
C PRO B 59 15.28 -11.32 9.13
N SER B 60 16.15 -10.32 9.04
CA SER B 60 17.54 -10.39 9.49
C SER B 60 17.79 -10.62 10.98
N GLY B 61 16.78 -10.39 11.82
CA GLY B 61 17.01 -10.46 13.25
C GLY B 61 16.99 -11.87 13.78
N ILE B 62 16.71 -12.84 12.92
CA ILE B 62 16.43 -14.21 13.33
C ILE B 62 17.62 -14.86 14.05
N PHE B 63 18.82 -14.37 13.77
CA PHE B 63 20.04 -14.94 14.36
C PHE B 63 20.15 -14.62 15.84
N TYR B 64 19.36 -13.66 16.30
CA TYR B 64 19.37 -13.28 17.71
C TYR B 64 18.12 -13.79 18.37
N LYS B 65 18.29 -14.78 19.24
CA LYS B 65 17.19 -15.52 19.87
C LYS B 65 16.09 -14.64 20.45
N GLU B 66 16.49 -13.49 21.00
CA GLU B 66 15.56 -12.64 21.74
C GLU B 66 14.84 -11.60 20.87
N LYS B 67 15.17 -11.55 19.58
CA LYS B 67 14.51 -10.60 18.67
C LYS B 67 13.33 -11.23 17.92
N ILE B 68 12.16 -10.60 18.03
CA ILE B 68 11.00 -11.10 17.31
C ILE B 68 11.13 -10.74 15.84
N CYS B 69 10.97 -11.73 14.96
CA CYS B 69 11.04 -11.50 13.52
C CYS B 69 9.68 -11.72 12.86
N VAL B 70 9.23 -10.73 12.12
CA VAL B 70 7.87 -10.73 11.59
C VAL B 70 7.82 -10.71 10.07
N ILE B 71 7.06 -11.65 9.52
CA ILE B 71 6.65 -11.62 8.13
C ILE B 71 5.21 -11.10 8.09
N GLY B 72 5.06 -9.85 7.68
CA GLY B 72 3.77 -9.16 7.68
C GLY B 72 2.78 -9.64 6.63
N ASN B 73 1.58 -9.06 6.67
CA ASN B 73 0.49 -9.46 5.79
C ASN B 73 0.75 -9.15 4.31
N GLY B 74 1.68 -8.22 4.06
CA GLY B 74 1.97 -7.75 2.72
C GLY B 74 2.78 -8.68 1.84
N LEU B 75 3.31 -9.75 2.41
CA LEU B 75 4.12 -10.69 1.62
C LEU B 75 3.29 -11.78 0.92
N VAL B 76 3.95 -12.48 0.00
CA VAL B 76 3.45 -13.72 -0.56
C VAL B 76 4.44 -14.81 -0.12
N VAL B 77 3.91 -15.87 0.44
CA VAL B 77 4.73 -16.86 1.11
C VAL B 77 4.59 -18.23 0.47
N ASP B 78 5.68 -18.71 -0.11
CA ASP B 78 5.75 -20.08 -0.59
C ASP B 78 6.10 -20.97 0.59
N PRO B 79 5.11 -21.71 1.12
CA PRO B 79 5.28 -22.47 2.36
C PRO B 79 6.36 -23.55 2.26
N LYS B 80 6.49 -24.16 1.09
CA LYS B 80 7.55 -25.14 0.85
C LYS B 80 8.91 -24.45 0.94
N ALA B 81 9.05 -23.32 0.24
CA ALA B 81 10.29 -22.53 0.30
C ALA B 81 10.62 -22.05 1.72
N LEU B 82 9.60 -21.61 2.46
CA LEU B 82 9.80 -21.17 3.84
C LEU B 82 10.31 -22.30 4.72
N LEU B 83 9.77 -23.49 4.53
CA LEU B 83 10.26 -24.63 5.29
C LEU B 83 11.70 -24.99 4.92
N GLU B 84 12.05 -24.84 3.64
CA GLU B 84 13.44 -25.06 3.24
C GLU B 84 14.37 -24.09 3.97
N GLU B 85 13.95 -22.83 4.05
CA GLU B 85 14.73 -21.78 4.71
C GLU B 85 14.89 -22.07 6.21
N LEU B 86 13.78 -22.43 6.85
CA LEU B 86 13.79 -22.88 8.24
C LEU B 86 14.75 -24.04 8.46
N LYS B 87 14.67 -25.07 7.62
CA LYS B 87 15.57 -26.22 7.72
C LYS B 87 17.01 -25.76 7.57
N TYR B 88 17.24 -24.89 6.59
CA TYR B 88 18.55 -24.35 6.31
C TYR B 88 19.15 -23.78 7.58
N LEU B 89 18.35 -22.99 8.28
CA LEU B 89 18.77 -22.35 9.51
C LEU B 89 18.98 -23.36 10.64
N HIS B 90 18.07 -24.31 10.81
CA HIS B 90 18.15 -25.30 11.89
C HIS B 90 19.39 -26.18 11.73
N ASP B 91 19.67 -26.58 10.49
CA ASP B 91 20.84 -27.41 10.18
C ASP B 91 22.12 -26.71 10.59
N ARG B 92 22.07 -25.39 10.74
CA ARG B 92 23.25 -24.62 11.12
C ARG B 92 23.14 -24.09 12.54
N GLY B 93 22.22 -24.67 13.32
CA GLY B 93 22.16 -24.40 14.75
C GLY B 93 21.39 -23.13 15.09
N VAL B 94 20.65 -22.61 14.12
CA VAL B 94 19.91 -21.37 14.33
C VAL B 94 18.47 -21.61 14.76
N SER B 95 18.15 -21.22 15.98
CA SER B 95 16.80 -21.33 16.52
C SER B 95 15.86 -20.36 15.84
N THR B 96 14.61 -20.76 15.62
CA THR B 96 13.65 -19.89 14.94
C THR B 96 12.35 -19.72 15.71
N ASP B 97 12.39 -19.91 17.03
CA ASP B 97 11.20 -19.75 17.86
C ASP B 97 10.72 -18.31 17.85
N ASN B 98 11.59 -17.41 17.39
CA ASN B 98 11.27 -15.99 17.42
C ASN B 98 10.53 -15.48 16.18
N LEU B 99 10.23 -16.38 15.25
CA LEU B 99 9.58 -16.00 13.99
C LEU B 99 8.06 -15.88 14.14
N ARG B 100 7.49 -14.87 13.50
CA ARG B 100 6.03 -14.73 13.46
C ARG B 100 5.57 -14.52 12.01
N VAL B 101 4.56 -15.28 11.60
CA VAL B 101 4.06 -15.23 10.23
C VAL B 101 2.61 -14.75 10.21
N SER B 102 2.35 -13.69 9.44
CA SER B 102 1.01 -13.13 9.34
C SER B 102 -0.06 -14.15 8.93
N ASN B 103 -1.18 -14.15 9.64
CA ASN B 103 -2.27 -15.02 9.23
C ASN B 103 -2.97 -14.47 8.00
N ARG B 104 -2.58 -13.28 7.55
CA ARG B 104 -3.16 -12.68 6.36
C ARG B 104 -2.20 -12.63 5.17
N ALA B 105 -0.98 -13.16 5.35
CA ALA B 105 -0.06 -13.25 4.22
C ALA B 105 -0.68 -14.16 3.17
N HIS B 106 -0.44 -13.86 1.90
CA HIS B 106 -0.94 -14.71 0.82
C HIS B 106 0.02 -15.86 0.51
N VAL B 107 -0.53 -16.96 0.02
CA VAL B 107 0.23 -18.21 -0.15
C VAL B 107 0.52 -18.47 -1.62
N ILE B 108 1.77 -18.82 -1.91
CA ILE B 108 2.19 -19.20 -3.26
C ILE B 108 2.02 -20.73 -3.47
N LEU B 109 1.26 -21.12 -4.50
CA LEU B 109 0.93 -22.53 -4.76
C LEU B 109 1.55 -23.00 -6.10
N PRO B 110 1.62 -24.34 -6.34
CA PRO B 110 2.29 -24.80 -7.58
C PRO B 110 1.71 -24.21 -8.87
N TYR B 111 0.42 -23.89 -8.90
CA TYR B 111 -0.12 -23.31 -10.12
C TYR B 111 0.40 -21.90 -10.39
N HIS B 112 0.82 -21.21 -9.34
CA HIS B 112 1.43 -19.89 -9.51
C HIS B 112 2.77 -20.01 -10.22
N LEU B 113 3.51 -21.08 -9.93
CA LEU B 113 4.81 -21.27 -10.57
C LEU B 113 4.66 -21.60 -12.06
N LYS B 114 3.71 -22.47 -12.38
CA LYS B 114 3.51 -22.80 -13.78
C LYS B 114 2.97 -21.60 -14.53
N GLN B 115 2.05 -20.86 -13.91
CA GLN B 115 1.48 -19.67 -14.52
C GLN B 115 2.59 -18.66 -14.83
N ASP B 116 3.51 -18.52 -13.88
CA ASP B 116 4.66 -17.59 -13.99
C ASP B 116 5.46 -17.94 -15.24
N GLU B 117 5.81 -19.22 -15.38
CA GLU B 117 6.54 -19.69 -16.56
C GLU B 117 5.74 -19.47 -17.84
N LEU B 118 4.47 -19.80 -17.82
CA LEU B 118 3.66 -19.69 -19.03
C LEU B 118 3.52 -18.24 -19.49
N GLU B 119 3.28 -17.34 -18.54
CA GLU B 119 3.17 -15.91 -18.84
C GLU B 119 4.46 -15.32 -19.42
N GLU B 120 5.60 -15.76 -18.91
CA GLU B 120 6.86 -15.18 -19.38
C GLU B 120 7.18 -15.70 -20.78
N ALA B 121 6.84 -16.96 -21.04
CA ALA B 121 7.09 -17.56 -22.35
C ALA B 121 6.23 -16.90 -23.43
N SER B 122 5.09 -16.37 -23.01
CA SER B 122 4.18 -15.70 -23.94
C SER B 122 4.67 -14.34 -24.43
N LYS B 123 5.46 -13.64 -23.60
CA LYS B 123 5.87 -12.27 -23.91
C LYS B 123 7.06 -12.15 -24.87
N LYS B 132 11.49 -16.82 -11.42
CA LYS B 132 10.08 -17.18 -11.60
C LYS B 132 9.55 -18.07 -10.48
N LYS B 133 9.30 -17.47 -9.32
CA LYS B 133 8.89 -18.19 -8.13
C LYS B 133 7.41 -18.00 -7.83
N GLY B 134 6.65 -17.50 -8.79
CA GLY B 134 5.21 -17.44 -8.64
C GLY B 134 4.76 -16.26 -7.79
N ILE B 135 5.68 -15.33 -7.53
CA ILE B 135 5.39 -14.15 -6.74
C ILE B 135 4.43 -13.22 -7.47
N GLY B 136 4.72 -12.88 -8.72
CA GLY B 136 3.78 -12.13 -9.54
C GLY B 136 2.35 -12.68 -9.57
N PRO B 137 2.19 -13.93 -10.03
CA PRO B 137 0.86 -14.57 -10.07
C PRO B 137 0.15 -14.61 -8.71
N ALA B 138 0.91 -14.72 -7.62
CA ALA B 138 0.28 -14.70 -6.31
C ALA B 138 -0.28 -13.32 -5.95
N TYR B 139 0.40 -12.27 -6.40
CA TYR B 139 -0.10 -10.90 -6.20
C TYR B 139 -1.30 -10.57 -7.10
N MSE B 140 -1.30 -11.14 -8.30
CA MSE B 140 -2.43 -11.02 -9.20
C MSE B 140 -3.67 -11.68 -8.59
O MSE B 140 -4.75 -11.11 -8.61
CB MSE B 140 -2.11 -11.66 -10.56
CG MSE B 140 -0.81 -11.14 -11.19
SE MSE B 140 -0.40 -12.14 -12.83
CE MSE B 140 -2.34 -12.04 -13.50
N ASP B 141 -3.50 -12.89 -8.04
CA ASP B 141 -4.62 -13.58 -7.37
C ASP B 141 -5.09 -12.81 -6.13
N LYS B 142 -4.17 -12.12 -5.45
CA LYS B 142 -4.56 -11.25 -4.34
C LYS B 142 -5.48 -10.13 -4.87
N ALA B 143 -5.02 -9.45 -5.92
CA ALA B 143 -5.80 -8.36 -6.50
C ALA B 143 -7.17 -8.82 -6.98
N ALA B 144 -7.23 -10.04 -7.51
CA ALA B 144 -8.46 -10.64 -8.03
C ALA B 144 -9.37 -11.15 -6.90
N ARG B 145 -8.89 -11.11 -5.66
CA ARG B 145 -9.61 -11.61 -4.50
C ARG B 145 -10.01 -13.09 -4.61
N ILE B 146 -9.12 -13.92 -5.16
CA ILE B 146 -9.32 -15.37 -5.15
C ILE B 146 -8.17 -16.04 -4.44
N GLY B 147 -7.29 -15.21 -3.88
CA GLY B 147 -6.09 -15.71 -3.24
C GLY B 147 -6.36 -16.55 -2.01
N ILE B 148 -5.43 -17.45 -1.71
CA ILE B 148 -5.48 -18.26 -0.52
C ILE B 148 -4.47 -17.70 0.49
N ARG B 149 -4.94 -17.51 1.71
CA ARG B 149 -4.11 -16.83 2.70
C ARG B 149 -3.63 -17.84 3.71
N MSE B 150 -2.68 -17.41 4.53
CA MSE B 150 -2.11 -18.27 5.54
C MSE B 150 -3.18 -18.87 6.47
O MSE B 150 -3.12 -20.05 6.81
CB MSE B 150 -1.03 -17.50 6.32
CG MSE B 150 0.15 -18.32 6.73
SE MSE B 150 1.15 -19.22 5.29
CE MSE B 150 1.66 -20.66 6.47
N ALA B 151 -4.18 -18.07 6.84
CA ALA B 151 -5.27 -18.59 7.69
C ALA B 151 -6.10 -19.68 6.99
N ASP B 152 -6.29 -19.53 5.68
CA ASP B 152 -7.02 -20.54 4.91
C ASP B 152 -6.25 -21.85 4.86
N LEU B 153 -4.94 -21.76 4.63
CA LEU B 153 -4.06 -22.91 4.51
C LEU B 153 -4.11 -23.77 5.77
N LEU B 154 -4.34 -23.14 6.91
CA LEU B 154 -4.40 -23.86 8.20
C LEU B 154 -5.76 -24.51 8.45
N ASP B 155 -6.72 -24.22 7.57
CA ASP B 155 -8.09 -24.71 7.75
C ASP B 155 -8.35 -25.79 6.71
N ARG B 156 -8.45 -27.04 7.16
CA ARG B 156 -8.62 -28.18 6.27
C ARG B 156 -9.75 -27.98 5.24
N GLU B 157 -10.96 -27.66 5.72
CA GLU B 157 -12.10 -27.43 4.84
C GLU B 157 -11.96 -26.19 3.96
N ALA B 158 -11.61 -25.06 4.56
CA ALA B 158 -11.38 -23.83 3.81
C ALA B 158 -10.36 -24.02 2.68
N PHE B 159 -9.20 -24.57 3.02
CA PHE B 159 -8.15 -24.79 2.03
C PHE B 159 -8.65 -25.66 0.88
N LYS B 160 -9.31 -26.76 1.21
CA LYS B 160 -9.79 -27.69 0.19
C LYS B 160 -10.76 -26.96 -0.74
N GLU B 161 -11.74 -26.31 -0.14
CA GLU B 161 -12.74 -25.55 -0.91
C GLU B 161 -12.13 -24.48 -1.83
N LYS B 162 -11.23 -23.66 -1.28
CA LYS B 162 -10.63 -22.59 -2.08
C LYS B 162 -9.75 -23.15 -3.18
N LEU B 163 -9.08 -24.26 -2.88
CA LEU B 163 -8.27 -24.95 -3.87
C LEU B 163 -9.17 -25.47 -5.01
N GLU B 164 -10.29 -26.07 -4.66
CA GLU B 164 -11.23 -26.57 -5.66
C GLU B 164 -11.74 -25.46 -6.57
N GLN B 165 -12.18 -24.36 -5.98
CA GLN B 165 -12.65 -23.20 -6.73
C GLN B 165 -11.57 -22.65 -7.67
N ASN B 166 -10.37 -22.43 -7.13
CA ASN B 166 -9.32 -21.82 -7.93
C ASN B 166 -8.84 -22.74 -9.06
N LEU B 167 -8.67 -24.02 -8.77
CA LEU B 167 -8.23 -24.96 -9.79
C LEU B 167 -9.27 -25.13 -10.91
N ALA B 168 -10.55 -25.03 -10.57
CA ALA B 168 -11.58 -24.99 -11.62
C ALA B 168 -11.32 -23.85 -12.64
N GLN B 169 -10.81 -22.71 -12.18
CA GLN B 169 -10.48 -21.63 -13.12
C GLN B 169 -9.06 -21.79 -13.69
N LYS B 170 -8.07 -22.02 -12.84
CA LYS B 170 -6.69 -22.20 -13.30
C LYS B 170 -6.55 -23.34 -14.32
N ASN B 171 -7.29 -24.44 -14.14
CA ASN B 171 -7.22 -25.53 -15.10
C ASN B 171 -7.77 -25.22 -16.49
N ARG B 172 -8.84 -24.43 -16.54
CA ARG B 172 -9.32 -23.89 -17.83
C ARG B 172 -8.23 -23.03 -18.48
N LEU B 173 -7.61 -22.17 -17.70
CA LEU B 173 -6.55 -21.30 -18.22
C LEU B 173 -5.47 -22.16 -18.86
N PHE B 174 -4.92 -23.08 -18.08
CA PHE B 174 -3.85 -23.97 -18.51
C PHE B 174 -4.20 -24.80 -19.74
N GLU B 175 -5.35 -25.47 -19.69
CA GLU B 175 -5.73 -26.40 -20.76
C GLU B 175 -6.15 -25.68 -22.03
N LYS B 176 -6.93 -24.62 -21.88
CA LYS B 176 -7.51 -23.97 -23.04
C LYS B 176 -6.63 -22.87 -23.63
N MSE B 177 -6.10 -22.00 -22.78
CA MSE B 177 -5.26 -20.93 -23.30
C MSE B 177 -3.82 -21.36 -23.56
O MSE B 177 -3.24 -20.94 -24.56
CB MSE B 177 -5.28 -19.69 -22.40
CG MSE B 177 -4.37 -18.58 -22.92
SE MSE B 177 -4.60 -16.95 -21.93
CE MSE B 177 -3.10 -15.88 -22.66
N TYR B 178 -3.26 -22.18 -22.68
CA TYR B 178 -1.85 -22.56 -22.80
C TYR B 178 -1.62 -24.00 -23.29
N ASP B 179 -2.72 -24.68 -23.69
CA ASP B 179 -2.69 -26.06 -24.19
C ASP B 179 -1.72 -26.94 -23.39
N THR B 180 -1.85 -26.88 -22.07
CA THR B 180 -0.97 -27.61 -21.19
C THR B 180 -1.79 -28.19 -20.01
N GLU B 181 -1.21 -29.15 -19.31
CA GLU B 181 -1.90 -29.83 -18.21
C GLU B 181 -2.04 -28.92 -17.00
N GLY B 182 -3.12 -29.10 -16.24
CA GLY B 182 -3.34 -28.34 -15.02
C GLY B 182 -3.02 -29.16 -13.80
N PHE B 183 -3.71 -28.91 -12.69
CA PHE B 183 -3.43 -29.61 -11.46
C PHE B 183 -4.71 -30.22 -10.93
N SER B 184 -4.64 -31.46 -10.48
CA SER B 184 -5.75 -32.03 -9.72
C SER B 184 -5.66 -31.48 -8.29
N VAL B 185 -6.80 -31.47 -7.59
CA VAL B 185 -6.83 -30.99 -6.23
C VAL B 185 -5.88 -31.81 -5.37
N ASP B 186 -5.92 -33.14 -5.51
CA ASP B 186 -5.08 -34.01 -4.69
C ASP B 186 -3.55 -33.85 -4.88
N GLU B 187 -3.12 -33.36 -6.03
CA GLU B 187 -1.70 -33.10 -6.29
C GLU B 187 -1.12 -32.07 -5.31
N ILE B 188 -1.99 -31.21 -4.80
CA ILE B 188 -1.56 -30.06 -4.02
C ILE B 188 -2.02 -30.13 -2.57
N PHE B 189 -3.27 -30.56 -2.37
CA PHE B 189 -3.92 -30.51 -1.07
C PHE B 189 -3.14 -31.11 0.10
N GLU B 190 -2.90 -32.42 0.06
CA GLU B 190 -2.26 -33.07 1.20
C GLU B 190 -0.82 -32.56 1.41
N GLU B 191 -0.09 -32.38 0.33
CA GLU B 191 1.28 -31.88 0.43
C GLU B 191 1.32 -30.49 1.09
N TYR B 192 0.52 -29.56 0.59
CA TYR B 192 0.57 -28.20 1.10
C TYR B 192 -0.14 -27.98 2.43
N PHE B 193 -1.17 -28.77 2.71
CA PHE B 193 -1.79 -28.69 4.04
C PHE B 193 -0.80 -29.12 5.10
N GLU B 194 -0.05 -30.19 4.79
CA GLU B 194 1.02 -30.63 5.66
C GLU B 194 2.02 -29.52 5.93
N TYR B 195 2.40 -28.78 4.88
CA TYR B 195 3.34 -27.67 5.02
C TYR B 195 2.79 -26.63 6.01
N GLY B 196 1.50 -26.31 5.86
CA GLY B 196 0.84 -25.39 6.77
C GLY B 196 0.91 -25.84 8.22
N GLN B 197 0.78 -27.13 8.45
CA GLN B 197 0.82 -27.62 9.83
C GLN B 197 2.21 -27.43 10.46
N GLN B 198 3.25 -27.45 9.64
CA GLN B 198 4.60 -27.22 10.13
C GLN B 198 4.90 -25.73 10.41
N ILE B 199 4.07 -24.83 9.88
CA ILE B 199 4.29 -23.38 10.00
C ILE B 199 3.33 -22.79 11.03
N ALA B 200 2.29 -23.56 11.36
CA ALA B 200 1.19 -23.14 12.24
C ALA B 200 1.64 -22.47 13.55
N GLN B 201 2.66 -23.04 14.18
CA GLN B 201 3.15 -22.52 15.46
C GLN B 201 3.59 -21.05 15.41
N TYR B 202 4.00 -20.59 14.23
CA TYR B 202 4.48 -19.22 14.04
C TYR B 202 3.36 -18.26 13.63
N VAL B 203 2.25 -18.82 13.15
CA VAL B 203 1.20 -18.02 12.52
C VAL B 203 0.31 -17.31 13.54
N CYS B 204 0.08 -16.01 13.33
CA CYS B 204 -0.68 -15.20 14.28
C CYS B 204 -1.06 -13.86 13.64
N ASP B 205 -1.67 -12.99 14.44
CA ASP B 205 -2.03 -11.64 13.98
C ASP B 205 -0.82 -10.73 14.17
N THR B 206 -0.08 -10.52 13.10
CA THR B 206 1.16 -9.77 13.19
C THR B 206 0.94 -8.27 13.35
N SER B 207 -0.25 -7.81 13.02
CA SER B 207 -0.62 -6.43 13.31
C SER B 207 -0.70 -6.20 14.81
N VAL B 208 -1.31 -7.14 15.54
CA VAL B 208 -1.32 -7.05 17.00
C VAL B 208 0.12 -7.06 17.55
N VAL B 209 0.92 -8.03 17.11
CA VAL B 209 2.33 -8.14 17.51
C VAL B 209 3.13 -6.83 17.31
N LEU B 210 3.03 -6.24 16.14
CA LEU B 210 3.81 -5.06 15.84
C LEU B 210 3.29 -3.81 16.58
N ASN B 211 1.97 -3.64 16.64
CA ASN B 211 1.40 -2.50 17.33
C ASN B 211 1.66 -2.57 18.84
N ASP B 212 1.70 -3.78 19.37
CA ASP B 212 2.10 -3.99 20.77
C ASP B 212 3.54 -3.54 20.98
N ALA B 213 4.44 -4.03 20.15
CA ALA B 213 5.85 -3.66 20.22
C ALA B 213 6.05 -2.15 20.07
N LEU B 214 5.28 -1.56 19.17
CA LEU B 214 5.43 -0.13 18.91
C LEU B 214 4.95 0.70 20.09
N ASP B 215 3.77 0.36 20.62
CA ASP B 215 3.16 1.14 21.70
C ASP B 215 3.97 1.09 22.99
N ASN B 216 4.72 0.02 23.17
CA ASN B 216 5.55 -0.13 24.35
C ASN B 216 6.98 0.34 24.13
N ASN B 217 7.18 1.15 23.09
CA ASN B 217 8.45 1.85 22.87
C ASN B 217 9.63 0.95 22.51
N HIS B 218 9.35 -0.24 22.00
CA HIS B 218 10.43 -1.11 21.56
C HIS B 218 11.00 -0.61 20.23
N ARG B 219 12.30 -0.84 20.03
CA ARG B 219 12.93 -0.51 18.76
C ARG B 219 12.52 -1.53 17.69
N VAL B 220 11.84 -1.04 16.67
CA VAL B 220 11.32 -1.87 15.59
C VAL B 220 11.99 -1.49 14.27
N LEU B 221 12.49 -2.49 13.56
CA LEU B 221 13.11 -2.25 12.25
C LEU B 221 12.31 -2.92 11.12
N PHE B 222 11.95 -2.15 10.10
CA PHE B 222 11.30 -2.70 8.91
C PHE B 222 12.29 -2.67 7.78
N GLU B 223 12.41 -3.76 7.03
CA GLU B 223 13.36 -3.79 5.93
C GLU B 223 12.69 -4.05 4.58
N GLY B 224 12.85 -3.10 3.66
CA GLY B 224 12.36 -3.26 2.30
C GLY B 224 13.17 -4.33 1.57
N ALA B 225 12.54 -5.04 0.64
CA ALA B 225 13.23 -6.13 -0.06
C ALA B 225 13.88 -5.70 -1.39
N GLN B 226 13.38 -4.62 -1.99
CA GLN B 226 13.88 -4.12 -3.27
C GLN B 226 14.05 -2.60 -3.16
N GLY B 227 14.76 -2.01 -4.13
CA GLY B 227 14.94 -0.57 -4.16
C GLY B 227 13.68 0.21 -4.55
N VAL B 228 13.62 1.46 -4.09
CA VAL B 228 12.53 2.37 -4.42
C VAL B 228 12.21 2.49 -5.92
N MSE B 229 13.23 2.43 -6.78
CA MSE B 229 12.98 2.59 -8.23
C MSE B 229 12.41 1.28 -8.84
O MSE B 229 12.13 1.20 -10.05
CB MSE B 229 14.25 3.06 -8.95
CG MSE B 229 14.65 4.53 -8.59
SE MSE B 229 13.13 5.77 -8.78
CE MSE B 229 12.91 5.65 -10.70
N LEU B 230 12.26 0.26 -8.01
CA LEU B 230 11.60 -0.98 -8.40
C LEU B 230 10.18 -1.07 -7.83
N ASP B 231 9.76 -0.02 -7.12
CA ASP B 231 8.39 0.04 -6.56
C ASP B 231 7.29 -0.07 -7.62
N ILE B 232 6.27 -0.87 -7.35
CA ILE B 232 5.25 -1.11 -8.40
C ILE B 232 4.54 0.20 -8.82
N ASP B 233 4.36 1.14 -7.88
CA ASP B 233 3.74 2.42 -8.21
C ASP B 233 4.78 3.45 -8.67
N HIS B 234 5.89 3.55 -7.96
CA HIS B 234 6.74 4.73 -8.10
C HIS B 234 8.03 4.49 -8.85
N GLY B 235 8.30 3.22 -9.17
CA GLY B 235 9.50 2.87 -9.90
C GLY B 235 9.36 2.97 -11.41
N THR B 236 10.34 2.44 -12.14
CA THR B 236 10.29 2.40 -13.59
C THR B 236 9.31 1.33 -14.13
N TYR B 237 8.02 1.50 -13.86
CA TYR B 237 6.97 0.59 -14.35
C TYR B 237 7.04 0.50 -15.87
N PRO B 238 6.95 -0.73 -16.43
CA PRO B 238 6.62 -1.98 -15.75
C PRO B 238 7.84 -2.77 -15.29
N PHE B 239 9.04 -2.22 -15.41
CA PHE B 239 10.22 -2.97 -15.00
C PHE B 239 10.48 -2.72 -13.53
N VAL B 240 9.68 -3.42 -12.71
CA VAL B 240 9.57 -3.15 -11.28
C VAL B 240 9.19 -4.45 -10.59
N THR B 241 9.21 -4.43 -9.26
CA THR B 241 8.75 -5.59 -8.50
C THR B 241 7.24 -5.48 -8.42
N SER B 242 6.60 -6.50 -7.85
CA SER B 242 5.15 -6.60 -7.88
C SER B 242 4.50 -6.15 -6.58
N SER B 243 5.19 -5.29 -5.82
CA SER B 243 4.67 -4.76 -4.55
C SER B 243 5.36 -3.43 -4.23
N ASN B 244 5.20 -2.94 -3.00
CA ASN B 244 5.64 -1.60 -2.64
C ASN B 244 6.77 -1.58 -1.61
N PRO B 245 8.01 -1.67 -2.06
CA PRO B 245 9.12 -1.54 -1.09
C PRO B 245 9.26 -0.13 -0.50
N ILE B 246 8.55 0.88 -1.01
CA ILE B 246 8.63 2.22 -0.39
C ILE B 246 8.19 2.14 1.07
N ALA B 247 8.67 3.08 1.88
CA ALA B 247 8.35 3.07 3.32
C ALA B 247 6.84 3.08 3.62
N GLY B 248 6.04 3.64 2.72
CA GLY B 248 4.60 3.61 2.90
C GLY B 248 4.08 2.18 2.88
N GLY B 249 4.83 1.31 2.22
CA GLY B 249 4.46 -0.10 2.13
C GLY B 249 4.39 -0.73 3.50
N VAL B 250 5.12 -0.17 4.45
CA VAL B 250 5.10 -0.68 5.83
C VAL B 250 3.72 -0.57 6.45
N THR B 251 3.03 0.54 6.21
CA THR B 251 1.74 0.76 6.83
C THR B 251 0.73 -0.28 6.36
N VAL B 252 0.59 -0.41 5.05
CA VAL B 252 -0.32 -1.37 4.44
C VAL B 252 0.13 -2.81 4.71
N GLY B 253 1.43 -3.05 4.50
CA GLY B 253 1.98 -4.39 4.55
C GLY B 253 2.12 -5.01 5.92
N THR B 254 1.98 -4.22 6.99
CA THR B 254 2.04 -4.81 8.34
C THR B 254 0.84 -4.41 9.20
N GLY B 255 0.02 -3.50 8.69
CA GLY B 255 -1.11 -2.99 9.44
C GLY B 255 -0.72 -2.11 10.62
N VAL B 256 0.10 -1.09 10.36
CA VAL B 256 0.37 -0.08 11.39
C VAL B 256 0.07 1.30 10.81
N GLY B 257 -0.33 2.23 11.67
CA GLY B 257 -0.63 3.59 11.25
C GLY B 257 0.59 4.36 10.76
N PRO B 258 0.36 5.34 9.88
CA PRO B 258 1.48 6.14 9.36
C PRO B 258 2.26 6.81 10.48
N ALA B 259 1.56 7.22 11.54
CA ALA B 259 2.16 7.92 12.66
C ALA B 259 3.11 7.05 13.48
N LYS B 260 3.13 5.75 13.22
CA LYS B 260 3.99 4.85 13.99
C LYS B 260 5.26 4.47 13.24
N VAL B 261 5.47 5.08 12.08
CA VAL B 261 6.68 4.86 11.30
C VAL B 261 7.52 6.14 11.41
N THR B 262 8.52 6.12 12.28
CA THR B 262 9.16 7.36 12.72
C THR B 262 10.37 7.83 11.88
N ARG B 263 11.24 6.91 11.50
CA ARG B 263 12.41 7.27 10.71
C ARG B 263 12.52 6.39 9.47
N VAL B 264 12.89 6.98 8.36
CA VAL B 264 13.12 6.21 7.15
C VAL B 264 14.53 6.47 6.61
N VAL B 265 15.36 5.44 6.66
CA VAL B 265 16.72 5.51 6.17
C VAL B 265 16.80 5.09 4.70
N GLY B 266 17.10 6.04 3.82
CA GLY B 266 17.35 5.71 2.45
C GLY B 266 18.81 5.37 2.24
N VAL B 267 19.07 4.18 1.71
CA VAL B 267 20.43 3.74 1.45
C VAL B 267 20.74 4.05 -0.01
N CYS B 268 21.67 4.98 -0.23
CA CYS B 268 22.11 5.36 -1.57
C CYS B 268 23.56 4.98 -1.76
N LYS B 269 23.90 4.58 -2.97
CA LYS B 269 25.30 4.43 -3.34
C LYS B 269 25.77 5.81 -3.86
N ALA B 270 27.06 6.08 -3.76
CA ALA B 270 27.62 7.39 -4.15
C ALA B 270 27.59 7.64 -5.66
N TYR B 271 27.29 6.58 -6.41
CA TYR B 271 27.08 6.60 -7.86
C TYR B 271 25.89 5.65 -8.14
N THR B 272 25.43 5.58 -9.38
CA THR B 272 24.24 4.79 -9.71
C THR B 272 24.66 3.49 -10.40
N SER B 273 23.92 2.42 -10.15
CA SER B 273 24.04 1.18 -10.94
C SER B 273 22.68 0.70 -11.40
N ARG B 274 22.66 0.00 -12.53
CA ARG B 274 21.44 -0.64 -13.02
C ARG B 274 21.79 -2.04 -13.53
N VAL B 275 20.82 -2.95 -13.42
CA VAL B 275 20.95 -4.31 -13.93
C VAL B 275 20.21 -4.43 -15.26
N GLY B 276 19.00 -3.89 -15.31
CA GLY B 276 18.18 -3.95 -16.51
C GLY B 276 18.76 -3.14 -17.66
N ASP B 277 18.10 -3.16 -18.81
CA ASP B 277 18.59 -2.44 -19.99
C ASP B 277 17.73 -1.20 -20.33
N GLY B 278 16.93 -0.74 -19.37
CA GLY B 278 16.09 0.42 -19.57
C GLY B 278 16.85 1.74 -19.43
N PRO B 279 16.12 2.86 -19.47
CA PRO B 279 16.70 4.21 -19.45
C PRO B 279 17.61 4.44 -18.25
N PHE B 280 18.72 5.12 -18.49
CA PHE B 280 19.74 5.35 -17.47
C PHE B 280 20.45 6.65 -17.82
N PRO B 281 19.84 7.80 -17.45
CA PRO B 281 20.34 9.12 -17.87
C PRO B 281 21.84 9.35 -17.62
N THR B 282 22.35 8.99 -16.44
CA THR B 282 23.75 9.29 -16.11
C THR B 282 24.74 8.18 -16.45
N GLU B 283 24.30 7.21 -17.24
CA GLU B 283 25.15 6.06 -17.56
C GLU B 283 26.49 6.50 -18.16
N LEU B 284 27.57 5.93 -17.63
CA LEU B 284 28.91 6.18 -18.12
C LEU B 284 29.36 5.00 -18.97
N HIS B 285 29.87 5.27 -20.17
CA HIS B 285 30.26 4.22 -21.10
C HIS B 285 31.76 4.20 -21.31
N ASP B 286 32.44 5.18 -20.70
CA ASP B 286 33.85 5.47 -20.97
C ASP B 286 34.75 4.84 -19.92
N GLU B 287 35.99 5.32 -19.86
CA GLU B 287 36.97 4.78 -18.91
C GLU B 287 36.60 5.07 -17.45
N ILE B 288 35.80 6.11 -17.21
CA ILE B 288 35.37 6.38 -15.85
C ILE B 288 34.37 5.31 -15.37
N GLY B 289 33.43 4.95 -16.24
CA GLY B 289 32.54 3.83 -15.98
C GLY B 289 33.31 2.55 -15.68
N HIS B 290 34.36 2.30 -16.46
CA HIS B 290 35.17 1.09 -16.27
C HIS B 290 35.84 1.09 -14.89
N GLN B 291 36.38 2.22 -14.49
CA GLN B 291 37.06 2.33 -13.20
C GLN B 291 36.09 2.11 -12.04
N ILE B 292 34.94 2.76 -12.11
CA ILE B 292 33.91 2.59 -11.08
C ILE B 292 33.40 1.15 -10.99
N ARG B 293 33.13 0.54 -12.14
CA ARG B 293 32.67 -0.85 -12.16
C ARG B 293 33.70 -1.79 -11.52
N GLU B 294 34.96 -1.65 -11.89
CA GLU B 294 36.00 -2.54 -11.36
C GLU B 294 36.29 -2.29 -9.88
N VAL B 295 36.54 -1.04 -9.50
CA VAL B 295 36.79 -0.70 -8.11
C VAL B 295 35.58 -1.01 -7.23
N GLY B 296 34.39 -0.79 -7.76
CA GLY B 296 33.17 -1.07 -7.01
C GLY B 296 32.66 -2.50 -7.12
N ARG B 297 33.35 -3.35 -7.88
CA ARG B 297 32.96 -4.74 -8.07
C ARG B 297 31.51 -4.84 -8.57
N GLU B 298 31.19 -4.05 -9.60
CA GLU B 298 29.82 -3.95 -10.07
C GLU B 298 29.45 -5.07 -11.05
N TYR B 299 29.39 -6.28 -10.52
CA TYR B 299 28.94 -7.47 -11.26
C TYR B 299 27.89 -8.21 -10.44
N GLY B 300 26.94 -8.83 -11.12
CA GLY B 300 25.99 -9.69 -10.45
C GLY B 300 26.71 -10.81 -9.72
N THR B 301 26.37 -11.00 -8.45
CA THR B 301 27.01 -12.04 -7.66
C THR B 301 26.60 -13.45 -8.13
N THR B 302 25.43 -13.55 -8.74
CA THR B 302 24.93 -14.84 -9.17
C THR B 302 25.00 -15.01 -10.68
N THR B 303 24.61 -13.97 -11.40
CA THR B 303 24.60 -13.98 -12.85
C THR B 303 26.00 -13.81 -13.42
N GLY B 304 26.88 -13.14 -12.68
CA GLY B 304 28.23 -12.86 -13.16
C GLY B 304 28.31 -11.66 -14.11
N ARG B 305 27.16 -11.07 -14.41
CA ARG B 305 27.06 -10.05 -15.46
C ARG B 305 27.38 -8.64 -14.98
N PRO B 306 28.18 -7.90 -15.77
CA PRO B 306 28.53 -6.53 -15.36
C PRO B 306 27.30 -5.64 -15.24
N ARG B 307 27.24 -4.84 -14.19
CA ARG B 307 26.16 -3.88 -14.06
C ARG B 307 26.51 -2.62 -14.83
N ARG B 308 25.50 -1.93 -15.31
CA ARG B 308 25.74 -0.60 -15.88
C ARG B 308 25.97 0.33 -14.72
N VAL B 309 26.93 1.25 -14.85
CA VAL B 309 27.15 2.25 -13.81
C VAL B 309 27.06 3.69 -14.36
N GLY B 310 26.85 4.66 -13.47
CA GLY B 310 26.82 6.06 -13.85
C GLY B 310 26.88 7.01 -12.67
N TRP B 311 26.91 8.31 -12.95
CA TRP B 311 26.99 9.33 -11.90
C TRP B 311 25.78 9.27 -11.00
N PHE B 312 25.95 9.77 -9.77
CA PHE B 312 24.84 9.97 -8.86
C PHE B 312 23.75 10.81 -9.53
N ASP B 313 22.50 10.40 -9.34
CA ASP B 313 21.39 11.06 -9.99
C ASP B 313 20.45 11.59 -8.90
N SER B 314 20.52 12.89 -8.64
CA SER B 314 19.71 13.48 -7.56
C SER B 314 18.29 13.75 -8.01
N VAL B 315 18.02 13.68 -9.31
CA VAL B 315 16.64 13.74 -9.75
C VAL B 315 15.90 12.48 -9.22
N VAL B 316 16.52 11.33 -9.44
CA VAL B 316 16.00 10.06 -8.93
C VAL B 316 15.87 10.04 -7.41
N VAL B 317 16.92 10.47 -6.70
CA VAL B 317 16.88 10.39 -5.25
C VAL B 317 15.90 11.39 -4.59
N ARG B 318 15.72 12.56 -5.20
CA ARG B 318 14.66 13.47 -4.74
C ARG B 318 13.26 12.84 -4.93
N HIS B 319 13.08 12.16 -6.07
CA HIS B 319 11.86 11.40 -6.31
C HIS B 319 11.71 10.35 -5.20
N ALA B 320 12.79 9.65 -4.91
CA ALA B 320 12.75 8.63 -3.87
C ALA B 320 12.45 9.25 -2.51
N ARG B 321 12.96 10.44 -2.25
CA ARG B 321 12.69 11.09 -0.96
C ARG B 321 11.19 11.38 -0.81
N ARG B 322 10.58 11.90 -1.86
CA ARG B 322 9.14 12.19 -1.82
C ARG B 322 8.34 10.92 -1.61
N VAL B 323 8.55 9.93 -2.49
CA VAL B 323 7.62 8.81 -2.55
C VAL B 323 7.82 7.85 -1.39
N SER B 324 9.03 7.85 -0.82
CA SER B 324 9.34 6.96 0.30
C SER B 324 9.53 7.68 1.63
N GLY B 325 9.19 8.97 1.67
CA GLY B 325 9.33 9.76 2.87
C GLY B 325 10.67 9.63 3.58
N LEU B 326 11.76 9.59 2.81
CA LEU B 326 13.11 9.42 3.39
C LEU B 326 13.41 10.54 4.38
N THR B 327 13.83 10.16 5.59
CA THR B 327 14.23 11.15 6.60
C THR B 327 15.73 11.13 6.88
N ASP B 328 16.41 10.05 6.53
CA ASP B 328 17.81 9.87 6.86
C ASP B 328 18.55 9.24 5.69
N LEU B 329 19.79 9.67 5.50
CA LEU B 329 20.56 9.22 4.35
C LEU B 329 21.73 8.36 4.80
N SER B 330 21.85 7.20 4.16
CA SER B 330 23.01 6.35 4.33
C SER B 330 23.72 6.36 2.98
N LEU B 331 24.87 7.01 2.92
CA LEU B 331 25.60 7.13 1.66
C LEU B 331 26.75 6.12 1.60
N ASN B 332 26.78 5.31 0.56
CA ASN B 332 27.68 4.15 0.57
C ASN B 332 28.65 4.09 -0.61
N SER B 333 29.72 3.33 -0.46
CA SER B 333 30.71 3.11 -1.52
C SER B 333 31.38 4.42 -1.98
N ILE B 334 31.49 5.37 -1.07
CA ILE B 334 32.16 6.62 -1.35
C ILE B 334 33.60 6.41 -1.81
N ASP B 335 34.29 5.41 -1.27
CA ASP B 335 35.67 5.12 -1.62
C ASP B 335 35.87 4.75 -3.10
N VAL B 336 34.79 4.33 -3.75
CA VAL B 336 34.86 3.92 -5.13
C VAL B 336 35.12 5.11 -6.04
N LEU B 337 34.76 6.30 -5.57
CA LEU B 337 34.93 7.50 -6.38
C LEU B 337 36.34 8.13 -6.26
N THR B 338 37.18 7.52 -5.42
CA THR B 338 38.57 7.96 -5.24
C THR B 338 39.35 8.00 -6.56
N GLY B 339 40.11 9.08 -6.78
CA GLY B 339 41.03 9.15 -7.91
C GLY B 339 40.39 9.59 -9.21
N ILE B 340 39.15 10.05 -9.13
CA ILE B 340 38.45 10.61 -10.29
C ILE B 340 38.43 12.13 -10.12
N PRO B 341 39.21 12.85 -10.96
CA PRO B 341 39.48 14.28 -10.75
C PRO B 341 38.24 15.14 -10.80
N THR B 342 37.34 14.85 -11.73
CA THR B 342 36.11 15.58 -11.85
C THR B 342 34.91 14.65 -11.66
N LEU B 343 34.15 14.90 -10.60
CA LEU B 343 32.99 14.10 -10.23
C LEU B 343 31.74 14.88 -10.61
N LYS B 344 30.71 14.18 -11.08
CA LYS B 344 29.47 14.86 -11.46
C LYS B 344 28.28 14.33 -10.68
N ILE B 345 27.30 15.22 -10.47
CA ILE B 345 26.02 14.85 -9.89
C ILE B 345 24.92 15.42 -10.78
N CYS B 346 24.02 14.56 -11.25
CA CYS B 346 22.93 15.04 -12.08
C CYS B 346 21.85 15.71 -11.22
N VAL B 347 21.42 16.92 -11.60
CA VAL B 347 20.44 17.66 -10.81
C VAL B 347 19.18 18.00 -11.62
N ALA B 348 19.21 17.74 -12.92
CA ALA B 348 18.04 17.99 -13.77
C ALA B 348 18.18 17.21 -15.07
N TYR B 349 17.08 17.07 -15.83
CA TYR B 349 17.12 16.44 -17.14
C TYR B 349 16.75 17.43 -18.20
N LYS B 350 17.45 17.36 -19.33
CA LYS B 350 16.99 17.99 -20.55
C LYS B 350 16.27 16.92 -21.35
N CYS B 351 15.04 17.21 -21.72
CA CYS B 351 14.15 16.21 -22.28
C CYS B 351 13.41 16.86 -23.42
N ASP B 352 13.86 16.59 -24.64
CA ASP B 352 13.29 17.22 -25.84
C ASP B 352 13.38 18.73 -25.76
N GLY B 353 14.50 19.23 -25.26
CA GLY B 353 14.73 20.66 -25.22
C GLY B 353 14.16 21.32 -23.98
N LYS B 354 13.40 20.58 -23.18
CA LYS B 354 12.86 21.11 -21.93
C LYS B 354 13.76 20.67 -20.79
N VAL B 355 13.92 21.54 -19.79
CA VAL B 355 14.66 21.17 -18.60
C VAL B 355 13.68 20.82 -17.49
N ILE B 356 13.77 19.62 -16.96
CA ILE B 356 12.82 19.18 -15.93
C ILE B 356 13.56 18.66 -14.70
N ASP B 357 12.87 18.61 -13.57
CA ASP B 357 13.46 17.99 -12.37
C ASP B 357 12.56 16.92 -11.71
N GLU B 358 11.76 16.22 -12.53
CA GLU B 358 10.96 15.05 -12.11
C GLU B 358 11.36 13.83 -12.93
N VAL B 359 11.15 12.63 -12.38
CA VAL B 359 11.33 11.41 -13.14
C VAL B 359 10.07 11.19 -13.97
N PRO B 360 10.19 11.14 -15.30
CA PRO B 360 9.01 10.84 -16.12
C PRO B 360 8.41 9.45 -15.83
N ALA B 361 7.08 9.40 -15.80
CA ALA B 361 6.33 8.15 -15.60
C ALA B 361 6.35 7.28 -16.85
N ASN B 362 6.57 7.90 -18.01
CA ASN B 362 6.64 7.17 -19.28
C ASN B 362 8.10 6.91 -19.64
N LEU B 363 8.44 5.63 -19.85
CA LEU B 363 9.80 5.19 -20.15
C LEU B 363 10.35 5.70 -21.50
N ASN B 364 9.50 5.90 -22.49
CA ASN B 364 9.94 6.53 -23.74
C ASN B 364 10.46 7.93 -23.51
N ILE B 365 9.88 8.60 -22.51
CA ILE B 365 10.31 9.96 -22.21
C ILE B 365 11.60 9.92 -21.39
N LEU B 366 11.63 9.06 -20.39
CA LEU B 366 12.82 8.88 -19.55
C LEU B 366 14.04 8.56 -20.41
N ALA B 367 13.84 7.75 -21.45
CA ALA B 367 14.88 7.38 -22.41
C ALA B 367 15.45 8.57 -23.20
N LYS B 368 14.73 9.68 -23.21
CA LYS B 368 15.21 10.89 -23.89
C LYS B 368 15.87 11.85 -22.93
N CYS B 369 15.90 11.51 -21.65
CA CYS B 369 16.47 12.43 -20.67
C CYS B 369 18.00 12.49 -20.73
N GLU B 370 18.54 13.69 -20.95
CA GLU B 370 19.98 13.94 -20.88
C GLU B 370 20.27 14.66 -19.57
N PRO B 371 21.29 14.21 -18.83
CA PRO B 371 21.55 14.81 -17.51
C PRO B 371 22.03 16.27 -17.58
N VAL B 372 21.62 17.11 -16.63
CA VAL B 372 22.28 18.38 -16.37
C VAL B 372 23.03 18.20 -15.07
N CYS B 373 24.35 18.39 -15.09
CA CYS B 373 25.19 17.99 -13.95
C CYS B 373 25.91 19.11 -13.25
N GLU B 374 25.96 19.02 -11.92
CA GLU B 374 26.96 19.76 -11.15
C GLU B 374 28.30 19.03 -11.28
N GLU B 375 29.40 19.78 -11.12
CA GLU B 375 30.74 19.19 -11.17
C GLU B 375 31.53 19.59 -9.93
N LEU B 376 32.24 18.62 -9.36
CA LEU B 376 32.97 18.84 -8.13
C LEU B 376 34.34 18.22 -8.29
N PRO B 377 35.35 18.79 -7.62
CA PRO B 377 36.69 18.23 -7.73
C PRO B 377 36.82 16.99 -6.85
N GLY B 378 37.56 16.01 -7.35
CA GLY B 378 37.75 14.77 -6.63
C GLY B 378 38.86 14.83 -5.60
N TRP B 379 39.22 13.66 -5.08
CA TRP B 379 40.29 13.52 -4.12
C TRP B 379 41.15 12.37 -4.61
N THR B 380 42.29 12.17 -3.98
CA THR B 380 43.25 11.18 -4.42
C THR B 380 43.60 10.21 -3.30
N GLU B 381 43.38 10.64 -2.06
CA GLU B 381 43.74 9.86 -0.88
C GLU B 381 42.86 8.64 -0.67
N ASP B 382 43.47 7.57 -0.15
CA ASP B 382 42.75 6.37 0.27
C ASP B 382 41.90 6.74 1.48
N ILE B 383 40.59 6.49 1.41
CA ILE B 383 39.71 6.91 2.50
C ILE B 383 39.08 5.73 3.26
N THR B 384 39.55 4.53 2.97
CA THR B 384 38.96 3.31 3.55
C THR B 384 39.19 3.16 5.06
N GLY B 385 40.15 3.91 5.59
CA GLY B 385 40.42 3.90 7.02
C GLY B 385 39.77 5.04 7.77
N VAL B 386 39.11 5.94 7.04
CA VAL B 386 38.42 7.08 7.63
C VAL B 386 37.19 6.64 8.44
N ARG B 387 37.04 7.19 9.65
CA ARG B 387 35.96 6.77 10.55
C ARG B 387 35.11 7.95 11.04
N SER B 388 35.24 9.09 10.38
CA SER B 388 34.59 10.32 10.81
C SER B 388 34.54 11.33 9.66
N LEU B 389 33.48 12.14 9.59
CA LEU B 389 33.41 13.16 8.54
C LEU B 389 34.63 14.09 8.60
N ASP B 390 35.05 14.43 9.81
CA ASP B 390 36.19 15.33 10.01
C ASP B 390 37.54 14.76 9.54
N GLU B 391 37.60 13.44 9.32
CA GLU B 391 38.87 12.84 8.88
C GLU B 391 38.92 12.62 7.36
N LEU B 392 37.79 12.85 6.68
CA LEU B 392 37.73 12.80 5.23
C LEU B 392 38.56 13.92 4.65
N PRO B 393 39.22 13.68 3.51
CA PRO B 393 39.86 14.76 2.75
C PRO B 393 38.81 15.77 2.33
N GLU B 394 39.23 17.01 2.15
CA GLU B 394 38.34 18.12 1.93
C GLU B 394 37.29 17.86 0.85
N ASN B 395 37.74 17.45 -0.34
CA ASN B 395 36.86 17.30 -1.48
C ASN B 395 35.88 16.12 -1.36
N ALA B 396 36.23 15.13 -0.54
CA ALA B 396 35.33 14.01 -0.26
C ALA B 396 34.23 14.44 0.71
N ARG B 397 34.61 15.19 1.74
CA ARG B 397 33.60 15.73 2.65
C ARG B 397 32.65 16.65 1.86
N LYS B 398 33.22 17.50 0.99
CA LYS B 398 32.40 18.38 0.16
C LYS B 398 31.41 17.60 -0.71
N TYR B 399 31.87 16.48 -1.27
CA TYR B 399 31.02 15.65 -2.13
C TYR B 399 29.87 15.05 -1.34
N VAL B 400 30.18 14.51 -0.16
CA VAL B 400 29.17 13.94 0.72
C VAL B 400 28.14 14.99 1.10
N GLU B 401 28.64 16.17 1.49
CA GLU B 401 27.76 17.26 1.90
C GLU B 401 26.86 17.70 0.75
N ARG B 402 27.41 17.74 -0.45
CA ARG B 402 26.62 18.20 -1.60
C ARG B 402 25.50 17.23 -1.95
N VAL B 403 25.78 15.93 -1.80
CA VAL B 403 24.76 14.92 -2.02
C VAL B 403 23.57 15.14 -1.11
N SER B 404 23.85 15.41 0.16
CA SER B 404 22.82 15.69 1.14
C SER B 404 22.08 17.01 0.84
N GLU B 405 22.83 18.03 0.42
CA GLU B 405 22.21 19.32 0.12
C GLU B 405 21.28 19.21 -1.09
N LEU B 406 21.70 18.46 -2.10
CA LEU B 406 20.92 18.37 -3.33
C LEU B 406 19.69 17.44 -3.20
N THR B 407 19.75 16.46 -2.32
CA THR B 407 18.63 15.51 -2.23
C THR B 407 17.63 15.94 -1.17
N GLY B 408 18.06 16.82 -0.28
CA GLY B 408 17.22 17.29 0.80
C GLY B 408 17.18 16.33 1.98
N ILE B 409 18.07 15.35 2.00
CA ILE B 409 18.09 14.36 3.07
C ILE B 409 19.32 14.49 3.98
N GLN B 410 19.12 14.71 5.27
CA GLN B 410 20.23 14.78 6.21
C GLN B 410 21.05 13.47 6.24
N LEU B 411 22.37 13.62 6.34
CA LEU B 411 23.26 12.48 6.38
C LEU B 411 23.23 11.84 7.76
N SER B 412 23.03 10.52 7.81
CA SER B 412 23.00 9.80 9.07
C SER B 412 24.05 8.68 9.16
N MSE B 413 24.43 8.13 8.02
CA MSE B 413 25.56 7.19 7.97
C MSE B 413 26.30 7.38 6.66
O MSE B 413 25.70 7.78 5.65
CB MSE B 413 25.11 5.71 8.00
CG MSE B 413 24.28 5.27 9.18
SE MSE B 413 22.37 5.24 8.77
CE MSE B 413 21.76 4.24 10.31
N PHE B 414 27.58 7.08 6.66
CA PHE B 414 28.30 6.98 5.41
C PHE B 414 29.29 5.83 5.47
N SER B 415 29.62 5.28 4.31
CA SER B 415 30.48 4.10 4.28
C SER B 415 31.63 4.30 3.32
N VAL B 416 32.82 3.87 3.73
CA VAL B 416 34.03 3.99 2.94
C VAL B 416 34.66 2.63 2.61
N GLY B 417 33.90 1.54 2.78
CA GLY B 417 34.36 0.20 2.46
C GLY B 417 33.33 -0.89 2.75
N PRO B 418 33.62 -2.14 2.36
CA PRO B 418 32.64 -3.23 2.49
C PRO B 418 32.47 -3.75 3.92
N ASP B 419 33.50 -3.62 4.76
CA ASP B 419 33.44 -4.10 6.14
C ASP B 419 32.52 -3.29 7.05
N ARG B 420 32.06 -3.93 8.12
CA ARG B 420 31.14 -3.32 9.07
C ARG B 420 31.75 -2.11 9.77
N ASN B 421 33.02 -2.22 10.14
CA ASN B 421 33.69 -1.11 10.82
C ASN B 421 33.92 0.11 9.92
N GLN B 422 33.64 -0.03 8.62
CA GLN B 422 33.75 1.09 7.68
C GLN B 422 32.39 1.76 7.46
N THR B 423 31.42 1.42 8.30
CA THR B 423 30.13 2.12 8.31
C THR B 423 30.18 3.15 9.43
N ASN B 424 30.22 4.42 9.04
CA ASN B 424 30.41 5.48 10.02
C ASN B 424 29.09 6.13 10.40
N ILE B 425 28.78 6.11 11.69
CA ILE B 425 27.49 6.61 12.16
C ILE B 425 27.54 8.10 12.50
N VAL B 426 26.64 8.87 11.91
CA VAL B 426 26.59 10.31 12.16
C VAL B 426 25.50 10.67 13.19
N ARG B 427 24.34 10.04 13.04
CA ARG B 427 23.23 10.16 13.99
C ARG B 427 22.70 8.78 14.34
N ASN B 428 22.12 8.64 15.54
CA ASN B 428 21.39 7.42 15.91
C ASN B 428 19.91 7.48 15.49
N VAL B 429 19.53 6.68 14.50
CA VAL B 429 18.18 6.75 13.95
C VAL B 429 17.09 6.20 14.89
N TYR B 430 17.48 5.47 15.91
CA TYR B 430 16.54 4.96 16.91
C TYR B 430 16.19 5.99 17.99
N GLU B 431 16.82 7.16 17.95
CA GLU B 431 16.55 8.18 18.96
C GLU B 431 15.55 9.20 18.44
CL CL C . 17.87 -2.19 -12.71
#